data_9C3X
#
_entry.id   9C3X
#
_cell.length_a   55.290
_cell.length_b   113.250
_cell.length_c   63.020
_cell.angle_alpha   90.000
_cell.angle_beta   93.350
_cell.angle_gamma   90.000
#
_symmetry.space_group_name_H-M   'P 1 21 1'
#
loop_
_entity.id
_entity.type
_entity.pdbx_description
1 polymer 'BIS3 biphenyl synthase'
2 non-polymer (3R)-butane-1,3-diol
3 non-polymer '[(2R,3S,4R,5R)-5-(6-amino-9H-purin-9-yl)-4-hydroxy-3-(phosphonooxy)oxolan-2-yl]methyl (3R)-3-hydroxy-2,2-dimethyl-4-oxo-4-[(3-oxo-3-{[2-(5-oxo-5-phenylpentanamido)ethyl]amino}propyl)amino]butyl dihydrogen diphosphate'
4 water water
#
_entity_poly.entity_id   1
_entity_poly.type   'polypeptide(L)'
_entity_poly.pdbx_seq_one_letter_code
;GSMAPLVKNEPQHAKILAIGTANPPNVYHQKDYPDFLFRVTKNEHRTDLREKFDRICEKSRTKKRYLHLTEEMLKANPNI
YTYGAPSLDVRQDICNIEVPKLGQEAALKAIKEWGQPISRITHLIFCTASCVDMPGCDFQLIKLLGLDPSVTRTMIYEAG
(CSD)YAGATVLRMAKDFAENNKGARVLVVCAEITTVFFHGLTDTHLDILVGQALFADGASAVIVGANPEPEIERPLFEI
VACRQTILPNSEHGVVVNIREMGFNYYLSGDVPKFVGGNVVDFMTKTFEKVDGKKKDWNSLFFSVHPGGPAIVDQVEEKL
GLKEGKLRATRHVLSEYGNMGAPTVHFILDEMRNKSIEEGKTTTGEGLEWGVVIGIGPGLTVETAVLRSESIRC
;
_entity_poly.pdbx_strand_id   A,B
#
# COMPACT_ATOMS: atom_id res chain seq x y z
N GLN A 12 0.31 -5.24 27.51
CA GLN A 12 0.94 -3.96 27.24
C GLN A 12 0.64 -3.55 25.80
N HIS A 13 -0.33 -2.64 25.64
CA HIS A 13 -0.78 -2.21 24.33
C HIS A 13 0.15 -1.16 23.74
N ALA A 14 0.12 -1.07 22.43
CA ALA A 14 0.85 -0.04 21.71
C ALA A 14 0.38 1.35 22.10
N LYS A 15 1.35 2.24 22.29
CA LYS A 15 1.12 3.62 22.65
C LYS A 15 1.60 4.55 21.56
N ILE A 16 0.87 5.63 21.35
CA ILE A 16 1.41 6.77 20.61
C ILE A 16 2.34 7.52 21.56
N LEU A 17 3.60 7.67 21.18
CA LEU A 17 4.65 8.27 22.00
C LEU A 17 5.00 9.70 21.59
N ALA A 18 4.57 10.12 20.40
CA ALA A 18 4.91 11.42 19.85
C ALA A 18 4.03 11.67 18.64
N ILE A 19 3.70 12.94 18.40
CA ILE A 19 3.02 13.40 17.20
C ILE A 19 3.70 14.68 16.71
N GLY A 20 4.06 14.74 15.42
CA GLY A 20 4.46 15.97 14.79
C GLY A 20 3.68 16.21 13.51
N THR A 21 3.62 17.48 13.10
CA THR A 21 2.90 17.83 11.87
C THR A 21 3.66 18.90 11.10
N ALA A 22 3.30 19.03 9.82
CA ALA A 22 3.93 19.98 8.91
C ALA A 22 2.95 20.33 7.79
N ASN A 23 3.14 21.50 7.19
CA ASN A 23 2.35 21.94 6.05
C ASN A 23 3.23 22.73 5.10
N PRO A 24 2.85 22.82 3.83
CA PRO A 24 3.55 23.73 2.92
C PRO A 24 3.45 25.15 3.42
N PRO A 25 4.36 26.02 2.98
CA PRO A 25 4.41 27.38 3.51
C PRO A 25 3.35 28.35 3.00
N ASN A 26 2.71 28.10 1.86
CA ASN A 26 1.81 29.06 1.26
CA ASN A 26 1.81 29.07 1.23
C ASN A 26 0.41 28.91 1.83
N VAL A 27 -0.09 29.97 2.45
CA VAL A 27 -1.40 29.98 3.08
CA VAL A 27 -1.41 29.99 3.07
C VAL A 27 -2.41 30.59 2.11
N TYR A 28 -3.55 29.94 1.96
CA TYR A 28 -4.65 30.36 1.09
C TYR A 28 -5.85 30.59 2.00
N HIS A 29 -6.16 31.84 2.28
CA HIS A 29 -7.34 32.14 3.08
C HIS A 29 -8.60 31.92 2.26
N GLN A 30 -9.60 31.27 2.85
CA GLN A 30 -10.80 30.89 2.09
C GLN A 30 -11.51 32.10 1.53
N LYS A 31 -11.50 33.22 2.24
CA LYS A 31 -12.18 34.41 1.76
C LYS A 31 -11.60 34.88 0.42
N ASP A 32 -10.34 34.54 0.13
CA ASP A 32 -9.65 34.94 -1.09
C ASP A 32 -9.61 33.84 -2.14
N TYR A 33 -10.00 32.62 -1.80
CA TYR A 33 -9.75 31.50 -2.69
C TYR A 33 -10.62 31.52 -3.95
N PRO A 34 -11.91 31.86 -3.86
CA PRO A 34 -12.71 31.97 -5.10
C PRO A 34 -12.08 32.90 -6.13
N ASP A 35 -11.64 34.09 -5.69
CA ASP A 35 -11.01 35.01 -6.62
C ASP A 35 -9.76 34.39 -7.23
N PHE A 36 -8.93 33.77 -6.39
CA PHE A 36 -7.70 33.14 -6.87
C PHE A 36 -8.01 32.05 -7.88
N LEU A 37 -8.89 31.11 -7.52
CA LEU A 37 -9.19 29.97 -8.37
C LEU A 37 -9.71 30.39 -9.73
N PHE A 38 -10.67 31.31 -9.74
CA PHE A 38 -11.29 31.70 -11.00
C PHE A 38 -10.37 32.54 -11.86
N ARG A 39 -9.49 33.35 -11.24
CA ARG A 39 -8.52 34.12 -11.98
C ARG A 39 -7.45 33.22 -12.61
N VAL A 40 -6.83 32.35 -11.81
CA VAL A 40 -5.68 31.62 -12.31
C VAL A 40 -6.08 30.54 -13.31
N THR A 41 -7.31 30.04 -13.27
CA THR A 41 -7.79 29.04 -14.22
C THR A 41 -8.54 29.66 -15.41
N LYS A 42 -8.54 30.99 -15.55
CA LYS A 42 -9.13 31.68 -16.69
C LYS A 42 -10.62 31.41 -16.82
N ASN A 43 -11.33 31.43 -15.68
CA ASN A 43 -12.75 31.10 -15.62
C ASN A 43 -13.60 32.23 -15.08
N GLU A 44 -13.13 33.47 -15.16
CA GLU A 44 -13.91 34.58 -14.62
C GLU A 44 -15.24 34.76 -15.34
N HIS A 45 -15.36 34.31 -16.59
CA HIS A 45 -16.65 34.38 -17.26
C HIS A 45 -17.67 33.42 -16.68
N ARG A 46 -17.25 32.39 -15.94
CA ARG A 46 -18.18 31.41 -15.40
C ARG A 46 -18.81 31.92 -14.10
N THR A 47 -19.62 32.96 -14.24
CA THR A 47 -20.26 33.54 -13.06
C THR A 47 -21.24 32.55 -12.43
N ASP A 48 -21.80 31.63 -13.24
CA ASP A 48 -22.68 30.60 -12.72
C ASP A 48 -21.91 29.69 -11.75
N LEU A 49 -20.74 29.26 -12.16
CA LEU A 49 -19.95 28.41 -11.28
C LEU A 49 -19.39 29.19 -10.10
N ARG A 50 -19.08 30.47 -10.30
CA ARG A 50 -18.58 31.27 -9.19
C ARG A 50 -19.63 31.40 -8.09
N GLU A 51 -20.90 31.58 -8.47
CA GLU A 51 -21.97 31.65 -7.48
C GLU A 51 -22.02 30.36 -6.67
N LYS A 52 -21.95 29.22 -7.36
CA LYS A 52 -22.00 27.94 -6.70
CA LYS A 52 -22.00 27.92 -6.70
C LYS A 52 -20.81 27.75 -5.79
N PHE A 53 -19.62 28.14 -6.26
CA PHE A 53 -18.41 27.97 -5.46
C PHE A 53 -18.44 28.85 -4.21
N ASP A 54 -18.92 30.09 -4.35
CA ASP A 54 -19.05 30.95 -3.18
C ASP A 54 -19.93 30.31 -2.13
N ARG A 55 -21.05 29.70 -2.56
CA ARG A 55 -21.94 29.06 -1.59
C ARG A 55 -21.23 27.91 -0.89
N ILE A 56 -20.49 27.10 -1.64
CA ILE A 56 -19.78 25.97 -1.04
C ILE A 56 -18.73 26.48 -0.05
N CYS A 57 -17.95 27.47 -0.44
CA CYS A 57 -16.93 28.00 0.46
C CYS A 57 -17.58 28.55 1.73
N GLU A 58 -18.73 29.22 1.61
CA GLU A 58 -19.38 29.75 2.81
C GLU A 58 -19.82 28.65 3.75
N LYS A 59 -20.14 27.48 3.22
CA LYS A 59 -20.57 26.34 4.02
C LYS A 59 -19.38 25.48 4.47
N SER A 60 -18.16 25.77 3.98
CA SER A 60 -17.05 24.82 4.13
C SER A 60 -16.56 24.69 5.57
N ARG A 61 -16.76 25.72 6.39
CA ARG A 61 -16.22 25.78 7.75
C ARG A 61 -14.70 25.66 7.75
N THR A 62 -14.08 26.07 6.62
CA THR A 62 -12.65 26.07 6.41
C THR A 62 -12.22 27.52 6.25
N LYS A 63 -11.36 28.00 7.15
CA LYS A 63 -10.92 29.39 7.12
C LYS A 63 -9.67 29.59 6.29
N LYS A 64 -8.75 28.62 6.32
CA LYS A 64 -7.54 28.70 5.52
C LYS A 64 -7.01 27.29 5.31
N ARG A 65 -6.14 27.17 4.30
CA ARG A 65 -5.49 25.93 3.94
C ARG A 65 -4.06 26.25 3.50
N TYR A 66 -3.17 25.28 3.66
CA TYR A 66 -1.81 25.37 3.19
C TYR A 66 -1.68 24.49 1.95
N LEU A 67 -1.09 25.03 0.88
CA LEU A 67 -0.99 24.36 -0.40
C LEU A 67 0.39 24.53 -0.99
N HIS A 68 0.95 23.44 -1.51
CA HIS A 68 2.21 23.51 -2.23
C HIS A 68 2.02 24.23 -3.57
N LEU A 69 0.92 23.95 -4.25
CA LEU A 69 0.69 24.50 -5.59
C LEU A 69 0.66 26.03 -5.56
N THR A 70 1.30 26.63 -6.56
CA THR A 70 1.35 28.08 -6.72
C THR A 70 0.80 28.46 -8.10
N GLU A 71 0.47 29.74 -8.23
CA GLU A 71 0.06 30.27 -9.52
C GLU A 71 1.16 30.08 -10.56
N GLU A 72 2.43 30.26 -10.18
CA GLU A 72 3.53 30.08 -11.13
C GLU A 72 3.57 28.66 -11.66
N MET A 73 3.24 27.67 -10.82
CA MET A 73 3.20 26.29 -11.30
CA MET A 73 3.20 26.29 -11.30
C MET A 73 2.10 26.09 -12.34
N LEU A 74 0.95 26.73 -12.13
CA LEU A 74 -0.16 26.60 -13.07
C LEU A 74 0.15 27.33 -14.38
N LYS A 75 0.80 28.49 -14.30
CA LYS A 75 1.18 29.20 -15.52
C LYS A 75 2.14 28.37 -16.36
N ALA A 76 3.04 27.65 -15.70
CA ALA A 76 4.02 26.85 -16.44
C ALA A 76 3.43 25.54 -16.94
N ASN A 77 2.35 25.07 -16.34
CA ASN A 77 1.72 23.80 -16.68
C ASN A 77 0.21 23.98 -16.81
N PRO A 78 -0.24 24.77 -17.79
CA PRO A 78 -1.68 25.05 -17.88
C PRO A 78 -2.57 23.82 -18.11
N ASN A 79 -2.02 22.69 -18.56
CA ASN A 79 -2.82 21.48 -18.64
C ASN A 79 -3.39 21.09 -17.27
N ILE A 80 -2.74 21.50 -16.17
CA ILE A 80 -3.24 21.16 -14.83
C ILE A 80 -4.64 21.72 -14.61
N TYR A 81 -4.94 22.91 -15.17
CA TYR A 81 -6.28 23.49 -15.01
C TYR A 81 -7.17 23.34 -16.25
N THR A 82 -6.70 22.63 -17.27
CA THR A 82 -7.48 22.35 -18.49
C THR A 82 -8.13 21.00 -18.29
N TYR A 83 -9.43 21.01 -18.00
CA TYR A 83 -10.11 19.80 -17.57
C TYR A 83 -9.90 18.67 -18.56
N GLY A 84 -9.32 17.56 -18.09
CA GLY A 84 -9.18 16.36 -18.88
C GLY A 84 -7.92 16.28 -19.73
N ALA A 85 -7.12 17.34 -19.77
CA ALA A 85 -5.91 17.32 -20.55
C ALA A 85 -4.85 16.45 -19.87
N PRO A 86 -3.93 15.88 -20.65
CA PRO A 86 -2.88 15.05 -20.04
C PRO A 86 -2.00 15.88 -19.13
N SER A 87 -1.83 15.40 -17.89
CA SER A 87 -1.03 16.16 -16.93
C SER A 87 -0.49 15.31 -15.78
N LEU A 88 -0.71 14.00 -15.81
CA LEU A 88 -0.25 13.14 -14.71
C LEU A 88 1.26 13.27 -14.51
N ASP A 89 2.02 13.31 -15.61
CA ASP A 89 3.47 13.27 -15.50
C ASP A 89 4.01 14.49 -14.76
N VAL A 90 3.52 15.68 -15.10
CA VAL A 90 4.00 16.87 -14.39
C VAL A 90 3.56 16.84 -12.92
N ARG A 91 2.35 16.34 -12.65
CA ARG A 91 1.89 16.27 -11.26
C ARG A 91 2.76 15.31 -10.45
N GLN A 92 3.06 14.16 -11.01
CA GLN A 92 3.87 13.17 -10.32
C GLN A 92 5.28 13.67 -10.11
N ASP A 93 5.84 14.38 -11.09
CA ASP A 93 7.21 14.87 -10.95
C ASP A 93 7.30 15.83 -9.77
N ILE A 94 6.22 16.56 -9.48
CA ILE A 94 6.14 17.40 -8.28
C ILE A 94 5.93 16.54 -7.03
N CYS A 95 4.84 15.77 -7.01
CA CYS A 95 4.42 15.14 -5.76
C CYS A 95 5.36 14.03 -5.30
N ASN A 96 5.97 13.29 -6.22
CA ASN A 96 6.93 12.25 -5.82
C ASN A 96 8.11 12.81 -5.05
N ILE A 97 8.41 14.10 -5.21
CA ILE A 97 9.45 14.79 -4.44
C ILE A 97 8.88 15.45 -3.20
N GLU A 98 7.77 16.17 -3.34
CA GLU A 98 7.28 16.99 -2.24
C GLU A 98 6.63 16.17 -1.13
N VAL A 99 6.02 15.04 -1.46
CA VAL A 99 5.37 14.23 -0.43
C VAL A 99 6.40 13.70 0.58
N PRO A 100 7.50 13.06 0.17
CA PRO A 100 8.49 12.64 1.18
C PRO A 100 9.13 13.81 1.91
N LYS A 101 9.35 14.93 1.21
CA LYS A 101 9.95 16.09 1.86
CA LYS A 101 9.95 16.09 1.87
C LYS A 101 9.05 16.60 2.99
N LEU A 102 7.77 16.72 2.71
CA LEU A 102 6.85 17.21 3.74
C LEU A 102 6.76 16.20 4.88
N GLY A 103 6.76 14.92 4.54
CA GLY A 103 6.81 13.87 5.55
C GLY A 103 8.04 13.95 6.44
N GLN A 104 9.18 14.25 5.84
CA GLN A 104 10.42 14.44 6.61
C GLN A 104 10.27 15.51 7.67
N GLU A 105 9.66 16.64 7.31
CA GLU A 105 9.53 17.73 8.26
C GLU A 105 8.69 17.29 9.46
N ALA A 106 7.57 16.63 9.20
CA ALA A 106 6.74 16.14 10.30
C ALA A 106 7.48 15.10 11.13
N ALA A 107 8.17 14.19 10.44
CA ALA A 107 8.89 13.11 11.13
C ALA A 107 9.96 13.66 12.07
N LEU A 108 10.71 14.67 11.65
CA LEU A 108 11.73 15.23 12.51
C LEU A 108 11.11 15.81 13.79
N LYS A 109 9.93 16.44 13.68
CA LYS A 109 9.24 16.95 14.86
C LYS A 109 8.78 15.82 15.77
N ALA A 110 8.22 14.74 15.21
CA ALA A 110 7.86 13.62 16.05
C ALA A 110 9.07 13.00 16.73
N ILE A 111 10.17 12.84 15.99
CA ILE A 111 11.38 12.24 16.55
C ILE A 111 11.94 13.09 17.68
N LYS A 112 11.87 14.42 17.53
CA LYS A 112 12.31 15.30 18.61
C LYS A 112 11.51 15.08 19.89
N GLU A 113 10.18 15.06 19.75
CA GLU A 113 9.34 14.86 20.93
C GLU A 113 9.65 13.53 21.58
N TRP A 114 9.76 12.47 20.78
CA TRP A 114 10.03 11.12 21.26
C TRP A 114 11.32 11.05 22.07
N GLY A 115 12.38 11.67 21.59
CA GLY A 115 13.59 11.85 22.37
C GLY A 115 14.58 10.70 22.34
N GLN A 116 14.39 9.75 21.46
CA GLN A 116 15.27 8.62 21.26
C GLN A 116 16.07 8.79 19.99
N PRO A 117 17.20 8.09 19.86
CA PRO A 117 17.94 8.12 18.59
C PRO A 117 17.15 7.48 17.46
N ILE A 118 17.35 8.02 16.26
CA ILE A 118 16.69 7.49 15.06
C ILE A 118 17.05 6.03 14.87
N SER A 119 18.21 5.60 15.35
CA SER A 119 18.59 4.20 15.25
C SER A 119 17.63 3.26 15.96
N ARG A 120 16.80 3.75 16.87
CA ARG A 120 15.83 2.90 17.58
C ARG A 120 14.58 2.65 16.75
N ILE A 121 14.37 3.36 15.64
CA ILE A 121 13.22 3.11 14.79
C ILE A 121 13.44 1.82 14.03
N THR A 122 12.53 0.85 14.22
CA THR A 122 12.59 -0.46 13.60
C THR A 122 11.62 -0.66 12.45
N HIS A 123 10.57 0.16 12.36
CA HIS A 123 9.49 -0.01 11.40
C HIS A 123 9.11 1.36 10.88
N LEU A 124 8.72 1.42 9.60
CA LEU A 124 8.22 2.63 8.97
C LEU A 124 6.94 2.30 8.24
N ILE A 125 5.87 3.05 8.53
CA ILE A 125 4.65 3.05 7.73
C ILE A 125 4.57 4.42 7.06
N PHE A 126 4.58 4.46 5.74
CA PHE A 126 4.35 5.69 4.99
C PHE A 126 3.02 5.54 4.27
N CYS A 127 2.21 6.59 4.29
CA CYS A 127 0.87 6.56 3.70
C CYS A 127 0.68 7.84 2.89
N THR A 128 0.28 7.69 1.62
CA THR A 128 -0.06 8.85 0.81
C THR A 128 -1.07 8.41 -0.26
N ALA A 129 -2.01 9.31 -0.57
CA ALA A 129 -2.91 9.15 -1.70
C ALA A 129 -2.61 10.19 -2.79
N SER A 130 -1.45 10.84 -2.73
CA SER A 130 -1.10 11.95 -3.62
C SER A 130 -0.10 11.58 -4.72
N CYS A 131 0.46 10.39 -4.72
CA CYS A 131 1.48 10.04 -5.69
C CYS A 131 1.70 8.53 -5.60
N VAL A 132 2.50 7.99 -6.53
CA VAL A 132 2.89 6.58 -6.51
C VAL A 132 4.14 6.45 -7.37
N ASP A 133 5.10 5.65 -6.91
CA ASP A 133 6.40 5.49 -7.56
C ASP A 133 7.08 4.27 -6.99
N MET A 134 8.03 3.71 -7.75
CA MET A 134 8.87 2.61 -7.27
C MET A 134 10.32 2.93 -7.56
N PRO A 135 11.22 2.94 -6.55
CA PRO A 135 10.95 2.82 -5.11
C PRO A 135 9.98 3.90 -4.64
N GLY A 136 9.37 3.65 -3.49
CA GLY A 136 8.31 4.50 -2.99
C GLY A 136 8.76 5.58 -2.03
N CYS A 137 7.75 6.29 -1.50
CA CYS A 137 7.99 7.36 -0.55
C CYS A 137 8.70 6.85 0.69
N ASP A 138 8.41 5.61 1.09
CA ASP A 138 9.07 5.02 2.26
C ASP A 138 10.58 4.96 2.05
N PHE A 139 11.00 4.48 0.88
CA PHE A 139 12.42 4.46 0.53
C PHE A 139 13.00 5.86 0.53
N GLN A 140 12.29 6.84 -0.04
CA GLN A 140 12.83 8.19 -0.09
C GLN A 140 12.95 8.80 1.29
N LEU A 141 12.01 8.49 2.19
CA LEU A 141 12.07 9.03 3.54
C LEU A 141 13.23 8.41 4.31
N ILE A 142 13.49 7.12 4.12
CA ILE A 142 14.63 6.47 4.73
C ILE A 142 15.91 7.21 4.36
N LYS A 143 16.07 7.51 3.07
CA LYS A 143 17.23 8.28 2.61
C LYS A 143 17.29 9.64 3.29
N LEU A 144 16.17 10.35 3.35
CA LEU A 144 16.18 11.72 3.86
C LEU A 144 16.52 11.75 5.35
N LEU A 145 15.98 10.80 6.12
CA LEU A 145 16.16 10.80 7.57
C LEU A 145 17.39 10.03 8.03
N GLY A 146 17.98 9.22 7.19
CA GLY A 146 19.03 8.34 7.64
C GLY A 146 18.54 7.21 8.53
N LEU A 147 17.35 6.69 8.26
CA LEU A 147 16.87 5.53 8.99
C LEU A 147 17.75 4.32 8.66
N ASP A 148 17.77 3.35 9.58
CA ASP A 148 18.47 2.10 9.37
CA ASP A 148 18.47 2.09 9.36
C ASP A 148 18.03 1.48 8.03
N PRO A 149 18.96 1.05 7.20
CA PRO A 149 18.58 0.40 5.93
C PRO A 149 17.73 -0.82 6.11
N SER A 150 17.72 -1.41 7.30
CA SER A 150 16.92 -2.60 7.54
CA SER A 150 16.93 -2.61 7.55
C SER A 150 15.64 -2.31 8.31
N VAL A 151 15.14 -1.08 8.25
CA VAL A 151 13.81 -0.81 8.81
CA VAL A 151 13.82 -0.81 8.80
C VAL A 151 12.79 -1.64 8.04
N THR A 152 11.78 -2.14 8.75
CA THR A 152 10.70 -2.93 8.17
C THR A 152 9.57 -2.00 7.73
N ARG A 153 9.26 -2.01 6.44
CA ARG A 153 8.43 -0.97 5.83
C ARG A 153 7.08 -1.47 5.37
N THR A 154 6.09 -0.58 5.50
CA THR A 154 4.76 -0.75 4.95
C THR A 154 4.44 0.55 4.22
N MET A 155 4.23 0.47 2.91
CA MET A 155 4.01 1.65 2.07
C MET A 155 2.54 1.57 1.59
N ILE A 156 1.67 2.45 2.12
CA ILE A 156 0.22 2.47 1.86
C ILE A 156 -0.07 3.57 0.84
N TYR A 157 -0.28 3.17 -0.40
CA TYR A 157 -0.57 4.10 -1.48
C TYR A 157 -2.06 4.06 -1.80
N GLU A 158 -2.64 5.24 -1.97
CA GLU A 158 -4.00 5.43 -2.48
C GLU A 158 -5.07 4.67 -1.69
N ALA A 159 -4.97 4.67 -0.37
CA ALA A 159 -6.06 4.11 0.44
C ALA A 159 -7.20 5.12 0.60
N GLY A 160 -6.89 6.35 0.91
CA GLY A 160 -7.94 7.33 1.07
C GLY A 160 -8.21 7.72 2.51
N TYR A 162 -9.90 7.11 5.15
CA TYR A 162 -9.95 6.31 6.37
C TYR A 162 -8.58 5.96 6.92
N ALA A 163 -7.52 6.24 6.15
CA ALA A 163 -6.23 5.64 6.45
C ALA A 163 -5.54 6.24 7.67
N GLY A 164 -5.93 7.41 8.14
CA GLY A 164 -5.36 7.92 9.37
C GLY A 164 -5.64 7.01 10.56
N ALA A 165 -6.79 6.32 10.56
CA ALA A 165 -7.09 5.30 11.55
C ALA A 165 -6.41 3.99 11.19
N THR A 166 -6.44 3.61 9.92
CA THR A 166 -5.80 2.38 9.46
C THR A 166 -4.33 2.28 9.86
N VAL A 167 -3.57 3.36 9.69
CA VAL A 167 -2.14 3.27 9.98
C VAL A 167 -1.89 3.05 11.47
N LEU A 168 -2.78 3.55 12.34
CA LEU A 168 -2.67 3.29 13.77
C LEU A 168 -2.97 1.84 14.09
N ARG A 169 -3.94 1.23 13.37
CA ARG A 169 -4.22 -0.20 13.53
C ARG A 169 -3.02 -1.05 13.11
N MET A 170 -2.44 -0.74 11.96
CA MET A 170 -1.25 -1.47 11.47
C MET A 170 -0.09 -1.30 12.44
N ALA A 171 0.17 -0.06 12.87
CA ALA A 171 1.27 0.19 13.80
C ALA A 171 1.05 -0.57 15.10
N LYS A 172 -0.20 -0.65 15.57
CA LYS A 172 -0.48 -1.40 16.79
C LYS A 172 -0.02 -2.84 16.67
N ASP A 173 -0.38 -3.51 15.56
CA ASP A 173 -0.01 -4.92 15.40
C ASP A 173 1.50 -5.09 15.26
N PHE A 174 2.16 -4.20 14.53
CA PHE A 174 3.62 -4.30 14.37
C PHE A 174 4.34 -4.05 15.68
N ALA A 175 3.86 -3.08 16.46
CA ALA A 175 4.52 -2.73 17.71
C ALA A 175 4.31 -3.81 18.77
N GLU A 176 3.14 -4.42 18.79
CA GLU A 176 2.80 -5.40 19.83
C GLU A 176 3.38 -6.77 19.51
N ASN A 177 3.50 -7.13 18.23
CA ASN A 177 4.03 -8.46 17.92
C ASN A 177 5.54 -8.50 17.80
N ASN A 178 6.21 -7.36 17.72
CA ASN A 178 7.65 -7.27 17.56
C ASN A 178 8.19 -6.57 18.81
N LYS A 179 8.74 -7.35 19.72
CA LYS A 179 9.11 -6.80 21.02
C LYS A 179 10.22 -5.78 20.87
N GLY A 180 10.01 -4.63 21.50
CA GLY A 180 10.93 -3.52 21.42
C GLY A 180 10.76 -2.66 20.18
N ALA A 181 9.84 -3.02 19.28
CA ALA A 181 9.74 -2.27 18.04
C ALA A 181 9.27 -0.85 18.31
N ARG A 182 9.75 0.05 17.45
CA ARG A 182 9.35 1.44 17.47
C ARG A 182 8.99 1.78 16.03
N VAL A 183 7.74 2.14 15.82
CA VAL A 183 7.19 2.34 14.49
C VAL A 183 7.05 3.83 14.25
N LEU A 184 7.69 4.33 13.20
CA LEU A 184 7.44 5.67 12.71
C LEU A 184 6.36 5.57 11.63
N VAL A 185 5.29 6.35 11.81
CA VAL A 185 4.14 6.41 10.92
C VAL A 185 4.11 7.80 10.32
N VAL A 186 4.16 7.91 8.99
CA VAL A 186 4.13 9.19 8.31
C VAL A 186 3.03 9.17 7.28
N CYS A 187 2.12 10.12 7.37
CA CYS A 187 1.06 10.34 6.39
C CYS A 187 1.30 11.71 5.77
N ALA A 188 1.36 11.79 4.45
CA ALA A 188 1.68 13.07 3.83
C ALA A 188 0.89 13.24 2.55
N GLU A 189 0.33 14.43 2.36
CA GLU A 189 -0.52 14.71 1.21
C GLU A 189 -0.17 16.04 0.55
N ILE A 190 -0.03 16.01 -0.77
CA ILE A 190 0.15 17.20 -1.59
C ILE A 190 -0.90 17.13 -2.70
N THR A 191 -1.89 18.01 -2.65
CA THR A 191 -3.10 17.86 -3.47
C THR A 191 -2.95 18.40 -4.89
N THR A 192 -1.74 18.80 -5.28
CA THR A 192 -1.45 19.19 -6.67
C THR A 192 -1.98 18.14 -7.64
N VAL A 193 -1.91 16.86 -7.28
CA VAL A 193 -2.37 15.79 -8.17
C VAL A 193 -3.87 15.76 -8.36
N PHE A 194 -4.63 16.36 -7.44
CA PHE A 194 -6.08 16.37 -7.45
C PHE A 194 -6.67 17.68 -7.99
N PHE A 195 -5.84 18.68 -8.30
CA PHE A 195 -6.35 19.97 -8.77
C PHE A 195 -6.91 19.81 -10.18
N HIS A 196 -8.17 20.20 -10.38
CA HIS A 196 -8.76 20.16 -11.72
C HIS A 196 -9.54 21.43 -12.02
N GLY A 197 -9.64 21.70 -13.31
CA GLY A 197 -10.41 22.82 -13.82
C GLY A 197 -11.91 22.61 -13.71
N LEU A 198 -12.64 23.61 -14.19
CA LEU A 198 -14.04 23.79 -13.83
C LEU A 198 -14.95 23.51 -15.02
N THR A 199 -15.92 22.62 -14.81
CA THR A 199 -16.92 22.28 -15.81
C THR A 199 -18.21 21.88 -15.12
N ASP A 200 -19.34 22.32 -15.67
CA ASP A 200 -20.61 21.96 -15.05
C ASP A 200 -20.96 20.50 -15.26
N THR A 201 -20.14 19.76 -16.03
CA THR A 201 -20.29 18.33 -16.18
C THR A 201 -19.66 17.57 -15.02
N HIS A 202 -18.89 18.24 -14.15
CA HIS A 202 -18.19 17.58 -13.03
C HIS A 202 -18.12 18.56 -11.86
N LEU A 203 -19.28 18.79 -11.26
CA LEU A 203 -19.43 19.78 -10.20
C LEU A 203 -18.76 19.35 -8.92
N ASP A 204 -18.46 18.04 -8.79
CA ASP A 204 -17.78 17.55 -7.59
C ASP A 204 -16.47 18.30 -7.38
N ILE A 205 -15.84 18.77 -8.46
CA ILE A 205 -14.57 19.48 -8.39
C ILE A 205 -14.71 20.74 -7.55
N LEU A 206 -15.89 21.37 -7.57
CA LEU A 206 -16.09 22.55 -6.73
C LEU A 206 -15.99 22.22 -5.24
N VAL A 207 -16.42 21.03 -4.84
CA VAL A 207 -16.30 20.63 -3.44
C VAL A 207 -14.85 20.38 -3.06
N GLY A 208 -14.11 19.65 -3.91
CA GLY A 208 -12.70 19.41 -3.62
C GLY A 208 -11.87 20.69 -3.65
N GLN A 209 -12.23 21.60 -4.57
CA GLN A 209 -11.55 22.87 -4.64
C GLN A 209 -11.77 23.70 -3.38
N ALA A 210 -12.88 23.51 -2.67
CA ALA A 210 -13.13 24.25 -1.45
C ALA A 210 -12.49 23.61 -0.21
N LEU A 211 -12.32 22.28 -0.20
CA LEU A 211 -12.00 21.59 1.03
C LEU A 211 -10.63 20.93 1.09
N PHE A 212 -10.07 20.47 -0.02
CA PHE A 212 -8.86 19.67 0.03
C PHE A 212 -7.64 20.55 0.30
N ALA A 213 -6.69 19.99 1.04
CA ALA A 213 -5.54 20.77 1.51
C ALA A 213 -4.34 19.86 1.76
N ASP A 214 -3.18 20.47 2.01
CA ASP A 214 -1.91 19.76 2.09
C ASP A 214 -1.42 19.73 3.53
N GLY A 215 -0.78 18.62 3.91
CA GLY A 215 -0.26 18.47 5.26
C GLY A 215 0.38 17.11 5.42
N ALA A 216 1.18 16.99 6.48
CA ALA A 216 1.77 15.72 6.87
C ALA A 216 1.74 15.58 8.37
N SER A 217 1.53 14.35 8.83
CA SER A 217 1.67 13.96 10.21
C SER A 217 2.72 12.87 10.35
N ALA A 218 3.30 12.81 11.54
CA ALA A 218 4.19 11.73 11.93
C ALA A 218 3.84 11.32 13.36
N VAL A 219 3.76 10.02 13.58
CA VAL A 219 3.41 9.44 14.87
C VAL A 219 4.43 8.34 15.16
N ILE A 220 4.96 8.31 16.38
CA ILE A 220 5.80 7.22 16.84
CA ILE A 220 5.80 7.21 16.83
C ILE A 220 4.95 6.32 17.70
N VAL A 221 4.96 5.01 17.42
CA VAL A 221 4.15 4.02 18.13
C VAL A 221 5.05 2.93 18.69
N GLY A 222 4.84 2.59 19.96
CA GLY A 222 5.58 1.51 20.58
C GLY A 222 4.87 1.01 21.81
N ALA A 223 5.04 -0.27 22.12
CA ALA A 223 4.61 -0.85 23.38
C ALA A 223 5.79 -0.80 24.36
N ASN A 224 5.47 -0.80 25.65
CA ASN A 224 6.47 -0.82 26.73
C ASN A 224 7.36 0.42 26.73
N PRO A 225 6.80 1.59 27.03
CA PRO A 225 7.61 2.81 27.00
C PRO A 225 8.76 2.77 27.99
N GLU A 226 9.90 3.30 27.58
CA GLU A 226 11.11 3.30 28.40
C GLU A 226 11.00 4.38 29.47
N PRO A 227 11.00 4.03 30.75
CA PRO A 227 10.80 5.04 31.79
C PRO A 227 11.81 6.17 31.70
N GLU A 228 11.32 7.40 31.89
CA GLU A 228 12.14 8.60 31.92
C GLU A 228 12.69 9.06 30.57
N ILE A 229 12.54 8.28 29.50
CA ILE A 229 12.84 8.73 28.16
C ILE A 229 11.57 8.95 27.36
N GLU A 230 10.69 7.95 27.36
CA GLU A 230 9.49 7.95 26.56
C GLU A 230 8.28 8.25 27.43
N ARG A 231 7.31 8.91 26.81
CA ARG A 231 6.11 9.39 27.48
C ARG A 231 4.93 9.10 26.57
N PRO A 232 4.02 8.20 26.93
CA PRO A 232 2.85 7.96 26.08
C PRO A 232 1.84 9.11 26.11
N LEU A 233 1.22 9.33 24.94
CA LEU A 233 0.14 10.27 24.76
C LEU A 233 -1.22 9.58 24.68
N PHE A 234 -1.31 8.46 23.96
CA PHE A 234 -2.55 7.71 23.84
C PHE A 234 -2.19 6.24 23.77
N GLU A 235 -3.13 5.39 24.14
CA GLU A 235 -3.00 3.95 24.01
C GLU A 235 -3.96 3.48 22.91
N ILE A 236 -3.45 2.67 21.98
CA ILE A 236 -4.28 2.13 20.90
C ILE A 236 -4.85 0.79 21.35
N VAL A 237 -6.14 0.77 21.69
CA VAL A 237 -6.72 -0.39 22.38
C VAL A 237 -7.30 -1.42 21.42
N ALA A 238 -8.15 -0.97 20.48
CA ALA A 238 -8.88 -1.88 19.59
C ALA A 238 -9.32 -1.12 18.35
N CYS A 239 -9.45 -1.84 17.22
CA CYS A 239 -9.74 -1.21 15.95
C CYS A 239 -10.73 -2.04 15.17
N ARG A 240 -11.43 -1.41 14.24
CA ARG A 240 -12.36 -2.11 13.37
C ARG A 240 -12.49 -1.35 12.06
N GLN A 241 -12.56 -2.09 10.96
CA GLN A 241 -12.74 -1.55 9.61
C GLN A 241 -14.00 -2.17 9.03
N THR A 242 -14.82 -1.36 8.37
CA THR A 242 -16.06 -1.86 7.81
C THR A 242 -16.45 -1.08 6.57
N ILE A 243 -17.20 -1.74 5.71
CA ILE A 243 -17.77 -1.14 4.52
C ILE A 243 -19.23 -0.81 4.78
N LEU A 244 -19.62 0.42 4.54
CA LEU A 244 -21.01 0.82 4.72
C LEU A 244 -21.84 0.30 3.55
N PRO A 245 -22.97 -0.35 3.81
CA PRO A 245 -23.74 -0.95 2.70
C PRO A 245 -24.22 0.05 1.65
N ASN A 246 -24.17 -0.39 0.39
CA ASN A 246 -24.85 0.28 -0.72
C ASN A 246 -24.30 1.68 -0.98
N SER A 247 -22.97 1.84 -0.81
CA SER A 247 -22.35 3.15 -0.92
C SER A 247 -21.09 3.13 -1.77
N GLU A 248 -20.99 2.17 -2.68
CA GLU A 248 -19.77 2.05 -3.48
CA GLU A 248 -19.77 2.04 -3.48
C GLU A 248 -19.48 3.31 -4.28
N HIS A 249 -20.52 4.04 -4.69
CA HIS A 249 -20.39 5.27 -5.44
C HIS A 249 -20.04 6.48 -4.59
N GLY A 250 -19.85 6.31 -3.29
CA GLY A 250 -19.71 7.46 -2.41
C GLY A 250 -18.48 8.28 -2.73
N VAL A 251 -17.33 7.62 -2.83
CA VAL A 251 -16.05 8.27 -3.14
C VAL A 251 -15.30 7.37 -4.11
N VAL A 252 -14.96 7.91 -5.28
CA VAL A 252 -14.21 7.18 -6.30
C VAL A 252 -13.05 8.07 -6.72
N VAL A 253 -11.85 7.51 -6.82
CA VAL A 253 -10.71 8.22 -7.37
C VAL A 253 -10.05 7.32 -8.40
N ASN A 254 -9.95 7.79 -9.62
CA ASN A 254 -9.27 7.08 -10.69
C ASN A 254 -7.94 7.76 -11.01
N ILE A 255 -6.88 6.97 -11.12
CA ILE A 255 -5.54 7.46 -11.45
C ILE A 255 -5.45 7.42 -12.98
N ARG A 256 -5.47 8.62 -13.61
CA ARG A 256 -5.68 8.79 -15.03
CA ARG A 256 -5.68 8.79 -15.03
C ARG A 256 -4.59 9.68 -15.63
N GLU A 257 -4.58 9.73 -16.97
CA GLU A 257 -3.63 10.59 -17.68
C GLU A 257 -3.84 12.07 -17.33
N MET A 258 -5.05 12.44 -16.93
CA MET A 258 -5.40 13.79 -16.50
C MET A 258 -5.07 14.08 -15.05
N GLY A 259 -4.48 13.14 -14.32
CA GLY A 259 -4.27 13.28 -12.89
C GLY A 259 -5.16 12.34 -12.09
N PHE A 260 -5.29 12.63 -10.80
CA PHE A 260 -6.14 11.80 -9.94
C PHE A 260 -7.53 12.43 -9.99
N ASN A 261 -8.44 11.79 -10.73
CA ASN A 261 -9.79 12.30 -10.92
C ASN A 261 -10.72 11.71 -9.88
N TYR A 262 -11.53 12.56 -9.24
CA TYR A 262 -12.34 12.13 -8.12
C TYR A 262 -13.80 12.45 -8.37
N TYR A 263 -14.64 11.60 -7.80
CA TYR A 263 -16.10 11.75 -7.83
C TYR A 263 -16.60 11.56 -6.41
N LEU A 264 -17.45 12.49 -5.95
CA LEU A 264 -17.95 12.49 -4.58
C LEU A 264 -19.46 12.57 -4.65
N SER A 265 -20.14 11.56 -4.11
CA SER A 265 -21.59 11.59 -4.07
C SER A 265 -22.10 12.54 -2.99
N GLY A 266 -23.15 13.30 -3.33
CA GLY A 266 -23.80 14.14 -2.34
C GLY A 266 -24.39 13.38 -1.17
N ASP A 267 -24.51 12.07 -1.28
CA ASP A 267 -25.09 11.28 -0.21
C ASP A 267 -24.08 10.81 0.83
N VAL A 268 -22.79 11.17 0.70
CA VAL A 268 -21.80 10.68 1.67
C VAL A 268 -22.18 11.05 3.10
N PRO A 269 -22.54 12.31 3.41
CA PRO A 269 -22.93 12.61 4.80
C PRO A 269 -24.08 11.76 5.30
N LYS A 270 -25.10 11.52 4.47
CA LYS A 270 -26.24 10.72 4.89
C LYS A 270 -25.84 9.29 5.19
N PHE A 271 -24.91 8.73 4.38
CA PHE A 271 -24.41 7.38 4.63
C PHE A 271 -23.68 7.30 5.96
N VAL A 272 -22.87 8.31 6.27
CA VAL A 272 -22.15 8.32 7.54
C VAL A 272 -23.13 8.39 8.69
N GLY A 273 -24.07 9.34 8.62
CA GLY A 273 -25.03 9.46 9.71
C GLY A 273 -25.91 8.24 9.88
N GLY A 274 -26.25 7.57 8.77
CA GLY A 274 -27.10 6.40 8.88
C GLY A 274 -26.41 5.17 9.43
N ASN A 275 -25.08 5.20 9.51
CA ASN A 275 -24.32 4.05 9.97
C ASN A 275 -23.50 4.29 11.24
N VAL A 276 -23.41 5.54 11.73
CA VAL A 276 -22.46 5.88 12.79
C VAL A 276 -22.79 5.16 14.11
N VAL A 277 -24.08 5.08 14.49
CA VAL A 277 -24.38 4.38 15.74
C VAL A 277 -23.94 2.92 15.64
N ASP A 278 -24.24 2.29 14.50
CA ASP A 278 -23.86 0.90 14.30
C ASP A 278 -22.34 0.72 14.35
N PHE A 279 -21.59 1.51 13.57
CA PHE A 279 -20.14 1.26 13.53
C PHE A 279 -19.48 1.63 14.85
N MET A 280 -20.02 2.59 15.59
CA MET A 280 -19.52 2.86 16.95
C MET A 280 -19.84 1.71 17.89
N THR A 281 -21.07 1.19 17.83
CA THR A 281 -21.46 0.10 18.72
C THR A 281 -20.61 -1.13 18.46
N LYS A 282 -20.40 -1.48 17.19
CA LYS A 282 -19.63 -2.68 16.87
C LYS A 282 -18.15 -2.52 17.24
N THR A 283 -17.63 -1.30 17.16
CA THR A 283 -16.25 -1.06 17.58
C THR A 283 -16.10 -1.29 19.08
N PHE A 284 -16.98 -0.68 19.87
CA PHE A 284 -16.89 -0.81 21.32
C PHE A 284 -17.28 -2.20 21.82
N GLU A 285 -17.92 -3.03 20.98
CA GLU A 285 -18.10 -4.42 21.35
C GLU A 285 -16.78 -5.14 21.54
N LYS A 286 -15.71 -4.64 20.93
CA LYS A 286 -14.39 -5.24 21.11
C LYS A 286 -13.74 -4.84 22.43
N VAL A 287 -14.35 -3.91 23.16
CA VAL A 287 -13.75 -3.35 24.36
C VAL A 287 -14.62 -3.68 25.57
N ASP A 288 -15.77 -3.01 25.69
CA ASP A 288 -16.61 -3.08 26.88
C ASP A 288 -18.10 -3.19 26.57
N GLY A 289 -18.50 -3.26 25.31
CA GLY A 289 -19.91 -3.28 24.95
C GLY A 289 -20.65 -1.95 25.06
N LYS A 290 -19.94 -0.82 25.03
CA LYS A 290 -20.63 0.48 25.08
C LYS A 290 -21.61 0.61 23.92
N LYS A 291 -22.82 1.13 24.22
CA LYS A 291 -23.86 1.23 23.21
C LYS A 291 -24.67 2.53 23.27
N LYS A 292 -24.30 3.48 24.13
CA LYS A 292 -25.01 4.74 24.29
C LYS A 292 -24.09 5.66 25.08
N ASP A 293 -24.56 6.89 25.32
CA ASP A 293 -23.81 7.87 26.12
C ASP A 293 -22.44 8.14 25.51
N TRP A 294 -22.46 8.48 24.23
CA TRP A 294 -21.25 8.70 23.45
C TRP A 294 -20.52 9.97 23.89
N ASN A 295 -21.19 10.86 24.64
CA ASN A 295 -20.52 12.05 25.13
C ASN A 295 -19.47 11.74 26.19
N SER A 296 -19.41 10.51 26.70
CA SER A 296 -18.39 10.14 27.65
C SER A 296 -17.00 10.04 27.02
N LEU A 297 -16.92 10.03 25.68
CA LEU A 297 -15.68 9.80 24.95
C LEU A 297 -15.08 11.10 24.45
N PHE A 298 -13.78 11.08 24.15
CA PHE A 298 -13.18 12.09 23.30
C PHE A 298 -13.10 11.58 21.85
N PHE A 299 -13.07 12.51 20.90
CA PHE A 299 -13.21 12.16 19.49
C PHE A 299 -12.19 12.84 18.60
N SER A 300 -11.65 12.07 17.64
CA SER A 300 -10.99 12.64 16.48
C SER A 300 -11.70 12.09 15.25
N VAL A 301 -12.50 12.93 14.61
CA VAL A 301 -13.32 12.53 13.48
C VAL A 301 -12.71 13.12 12.22
N HIS A 302 -12.49 12.27 11.22
CA HIS A 302 -11.93 12.79 9.99
C HIS A 302 -12.93 13.79 9.38
N PRO A 303 -12.54 15.03 9.17
CA PRO A 303 -13.50 16.03 8.67
C PRO A 303 -13.55 16.09 7.15
N GLY A 304 -14.08 15.02 6.54
CA GLY A 304 -14.05 14.95 5.10
C GLY A 304 -14.77 16.13 4.50
N GLY A 305 -15.83 16.58 5.17
CA GLY A 305 -16.39 17.89 5.00
C GLY A 305 -17.17 18.22 6.26
N PRO A 306 -17.61 19.46 6.41
CA PRO A 306 -18.36 19.83 7.61
C PRO A 306 -19.64 19.03 7.78
N ALA A 307 -20.28 18.62 6.68
CA ALA A 307 -21.53 17.89 6.82
C ALA A 307 -21.32 16.50 7.39
N ILE A 308 -20.15 15.91 7.17
CA ILE A 308 -19.83 14.64 7.81
C ILE A 308 -19.70 14.83 9.33
N VAL A 309 -19.00 15.87 9.75
CA VAL A 309 -18.84 16.15 11.17
C VAL A 309 -20.19 16.39 11.82
N ASP A 310 -21.05 17.18 11.16
CA ASP A 310 -22.40 17.45 11.69
C ASP A 310 -23.23 16.18 11.84
N GLN A 311 -23.10 15.23 10.91
CA GLN A 311 -23.87 13.98 10.99
C GLN A 311 -23.41 13.13 12.17
N VAL A 312 -22.10 13.07 12.41
CA VAL A 312 -21.61 12.29 13.54
C VAL A 312 -22.11 12.92 14.84
N GLU A 313 -22.04 14.26 14.93
CA GLU A 313 -22.54 14.96 16.11
C GLU A 313 -24.02 14.69 16.33
N GLU A 314 -24.82 14.79 15.27
CA GLU A 314 -26.27 14.66 15.46
C GLU A 314 -26.66 13.23 15.83
N LYS A 315 -26.16 12.24 15.10
CA LYS A 315 -26.66 10.90 15.31
C LYS A 315 -26.11 10.24 16.58
N LEU A 316 -24.95 10.69 17.08
CA LEU A 316 -24.44 10.21 18.35
C LEU A 316 -24.92 11.05 19.52
N GLY A 317 -25.71 12.10 19.26
CA GLY A 317 -26.20 12.96 20.32
C GLY A 317 -25.11 13.70 21.06
N LEU A 318 -24.07 14.14 20.36
CA LEU A 318 -22.95 14.80 21.01
C LEU A 318 -23.34 16.22 21.39
N LYS A 319 -22.89 16.64 22.56
CA LYS A 319 -23.18 17.95 23.09
C LYS A 319 -22.33 19.03 22.42
N GLU A 320 -22.77 20.27 22.58
CA GLU A 320 -22.04 21.40 22.03
C GLU A 320 -20.60 21.39 22.53
N GLY A 321 -19.67 21.56 21.60
CA GLY A 321 -18.27 21.62 21.90
C GLY A 321 -17.55 20.30 21.92
N LYS A 322 -18.26 19.17 21.88
CA LYS A 322 -17.57 17.89 21.95
C LYS A 322 -16.58 17.72 20.79
N LEU A 323 -16.93 18.18 19.59
CA LEU A 323 -16.09 18.03 18.42
C LEU A 323 -15.25 19.29 18.14
N ARG A 324 -14.99 20.11 19.17
CA ARG A 324 -14.21 21.32 19.00
C ARG A 324 -12.85 21.08 18.33
N ALA A 325 -12.10 20.09 18.79
CA ALA A 325 -10.76 19.90 18.21
C ALA A 325 -10.85 19.54 16.74
N THR A 326 -11.81 18.69 16.38
CA THR A 326 -12.04 18.31 14.98
C THR A 326 -12.38 19.55 14.15
N ARG A 327 -13.32 20.37 14.62
CA ARG A 327 -13.72 21.57 13.89
C ARG A 327 -12.60 22.60 13.81
N HIS A 328 -11.76 22.69 14.85
CA HIS A 328 -10.65 23.64 14.82
C HIS A 328 -9.68 23.29 13.70
N VAL A 329 -9.35 22.01 13.57
CA VAL A 329 -8.41 21.59 12.54
C VAL A 329 -9.01 21.83 11.16
N LEU A 330 -10.28 21.46 10.98
CA LEU A 330 -10.93 21.72 9.69
C LEU A 330 -10.87 23.20 9.35
N SER A 331 -11.11 24.06 10.34
CA SER A 331 -11.09 25.51 10.13
C SER A 331 -9.70 26.00 9.76
N GLU A 332 -8.67 25.53 10.46
CA GLU A 332 -7.34 26.10 10.29
C GLU A 332 -6.50 25.42 9.22
N TYR A 333 -6.90 24.22 8.76
CA TYR A 333 -6.11 23.43 7.81
C TYR A 333 -6.89 22.83 6.65
N GLY A 334 -8.21 22.73 6.73
CA GLY A 334 -8.98 21.99 5.76
C GLY A 334 -8.85 20.50 5.91
N ASN A 335 -9.32 19.80 4.88
CA ASN A 335 -9.27 18.33 4.80
C ASN A 335 -7.97 17.96 4.10
N MET A 336 -7.00 17.50 4.88
CA MET A 336 -5.69 17.09 4.38
C MET A 336 -5.59 15.59 4.15
N GLY A 337 -6.71 14.89 4.12
CA GLY A 337 -6.70 13.44 3.95
C GLY A 337 -6.27 12.73 5.22
N ALA A 338 -5.58 11.60 5.04
CA ALA A 338 -5.24 10.74 6.19
C ALA A 338 -4.57 11.48 7.36
N PRO A 339 -3.65 12.44 7.17
CA PRO A 339 -3.01 13.06 8.34
C PRO A 339 -4.00 13.75 9.28
N THR A 340 -5.18 14.13 8.79
CA THR A 340 -6.03 15.09 9.52
C THR A 340 -6.37 14.62 10.92
N VAL A 341 -6.72 13.35 11.10
CA VAL A 341 -7.07 12.87 12.43
C VAL A 341 -5.89 12.92 13.39
N HIS A 342 -4.65 12.89 12.89
CA HIS A 342 -3.48 13.03 13.76
C HIS A 342 -3.28 14.49 14.14
N PHE A 343 -3.55 15.42 13.21
CA PHE A 343 -3.56 16.84 13.59
C PHE A 343 -4.58 17.07 14.70
N ILE A 344 -5.72 16.38 14.64
CA ILE A 344 -6.77 16.58 15.63
C ILE A 344 -6.32 16.04 16.98
N LEU A 345 -5.69 14.86 17.01
CA LEU A 345 -5.15 14.33 18.26
C LEU A 345 -4.11 15.26 18.86
N ASP A 346 -3.26 15.86 18.01
CA ASP A 346 -2.24 16.79 18.50
C ASP A 346 -2.90 18.05 19.06
N GLU A 347 -3.89 18.58 18.34
CA GLU A 347 -4.64 19.73 18.81
C GLU A 347 -5.31 19.43 20.15
N MET A 348 -5.90 18.24 20.28
CA MET A 348 -6.53 17.86 21.52
C MET A 348 -5.53 17.82 22.66
N ARG A 349 -4.36 17.23 22.42
CA ARG A 349 -3.31 17.19 23.44
C ARG A 349 -2.88 18.62 23.81
N ASN A 350 -2.75 19.49 22.82
N ASN A 350 -2.73 19.50 22.81
CA ASN A 350 -2.27 20.85 23.10
CA ASN A 350 -2.27 20.86 23.07
C ASN A 350 -3.30 21.63 23.89
C ASN A 350 -3.29 21.63 23.89
N LYS A 351 -4.57 21.53 23.50
CA LYS A 351 -5.62 22.24 24.23
C LYS A 351 -5.77 21.68 25.65
N SER A 352 -5.59 20.36 25.82
CA SER A 352 -5.67 19.76 27.15
C SER A 352 -4.56 20.29 28.07
N ILE A 353 -3.36 20.49 27.53
CA ILE A 353 -2.30 21.15 28.29
C ILE A 353 -2.72 22.57 28.65
N GLU A 354 -3.23 23.32 27.67
CA GLU A 354 -3.61 24.72 27.89
C GLU A 354 -4.63 24.84 29.01
N GLU A 355 -5.59 23.94 29.04
CA GLU A 355 -6.69 23.96 29.99
C GLU A 355 -6.38 23.27 31.30
N GLY A 356 -5.18 22.71 31.46
CA GLY A 356 -4.85 21.99 32.68
C GLY A 356 -5.68 20.76 32.92
N LYS A 357 -6.05 20.06 31.84
CA LYS A 357 -6.78 18.81 31.98
C LYS A 357 -5.89 17.71 32.54
N THR A 358 -6.53 16.69 33.12
CA THR A 358 -5.82 15.60 33.73
C THR A 358 -5.30 14.59 32.72
N THR A 359 -5.83 14.60 31.50
CA THR A 359 -5.37 13.69 30.48
C THR A 359 -5.30 14.40 29.13
N THR A 360 -4.62 13.74 28.19
CA THR A 360 -4.45 14.24 26.83
C THR A 360 -5.75 14.19 26.03
N GLY A 361 -6.75 13.47 26.49
CA GLY A 361 -8.04 13.39 25.84
C GLY A 361 -9.08 14.25 26.53
N GLU A 362 -8.78 15.54 26.73
CA GLU A 362 -9.74 16.49 27.26
C GLU A 362 -10.15 16.11 28.68
N GLY A 363 -9.24 15.43 29.40
CA GLY A 363 -9.50 14.92 30.74
C GLY A 363 -10.25 13.61 30.79
N LEU A 364 -10.70 13.10 29.66
CA LEU A 364 -11.49 11.87 29.60
C LEU A 364 -10.57 10.67 29.38
N GLU A 365 -11.07 9.50 29.77
CA GLU A 365 -10.27 8.27 29.71
C GLU A 365 -10.27 7.62 28.33
N TRP A 366 -11.45 7.49 27.71
CA TRP A 366 -11.62 6.73 26.48
C TRP A 366 -12.02 7.63 25.33
N GLY A 367 -11.59 7.26 24.11
CA GLY A 367 -11.94 8.03 22.94
C GLY A 367 -11.87 7.19 21.68
N VAL A 368 -12.10 7.84 20.55
CA VAL A 368 -12.10 7.14 19.27
C VAL A 368 -11.59 8.05 18.17
N VAL A 369 -10.87 7.42 17.21
CA VAL A 369 -10.51 8.01 15.94
C VAL A 369 -11.42 7.40 14.88
N ILE A 370 -12.03 8.23 14.04
CA ILE A 370 -12.94 7.77 12.98
C ILE A 370 -12.40 8.24 11.64
N GLY A 371 -11.94 7.29 10.82
CA GLY A 371 -11.53 7.58 9.44
C GLY A 371 -12.61 7.13 8.48
N ILE A 372 -12.89 7.95 7.47
CA ILE A 372 -13.96 7.69 6.51
C ILE A 372 -13.43 7.90 5.10
N GLY A 373 -13.57 6.88 4.23
CA GLY A 373 -13.09 6.98 2.87
C GLY A 373 -13.77 6.06 1.87
N PRO A 374 -13.11 5.81 0.72
CA PRO A 374 -13.75 5.02 -0.34
C PRO A 374 -14.26 3.65 0.12
N GLY A 375 -15.44 3.29 -0.41
CA GLY A 375 -16.08 2.02 -0.13
C GLY A 375 -17.59 2.09 -0.09
N LEU A 376 -18.14 2.97 0.73
CA LEU A 376 -17.50 3.74 1.78
C LEU A 376 -16.93 2.82 2.86
N THR A 377 -15.70 3.11 3.28
CA THR A 377 -15.02 2.37 4.34
C THR A 377 -14.82 3.28 5.53
N VAL A 378 -15.14 2.77 6.71
CA VAL A 378 -14.89 3.44 7.97
C VAL A 378 -13.93 2.58 8.77
N GLU A 379 -12.83 3.16 9.23
CA GLU A 379 -11.96 2.50 10.21
C GLU A 379 -12.00 3.33 11.49
N THR A 380 -12.25 2.64 12.59
CA THR A 380 -12.24 3.22 13.93
C THR A 380 -11.08 2.64 14.73
N ALA A 381 -10.50 3.49 15.58
CA ALA A 381 -9.51 3.05 16.56
C ALA A 381 -9.93 3.60 17.91
N VAL A 382 -10.16 2.70 18.88
CA VAL A 382 -10.49 3.09 20.24
C VAL A 382 -9.18 3.40 20.94
N LEU A 383 -9.13 4.54 21.62
CA LEU A 383 -7.93 4.97 22.31
C LEU A 383 -8.24 5.16 23.78
N ARG A 384 -7.21 5.03 24.62
CA ARG A 384 -7.25 5.57 25.96
C ARG A 384 -6.28 6.76 25.98
N SER A 385 -6.63 7.78 26.78
CA SER A 385 -5.75 8.91 26.97
C SER A 385 -4.65 8.55 27.96
N GLU A 386 -3.74 9.50 28.19
CA GLU A 386 -2.68 9.34 29.17
C GLU A 386 -2.58 10.60 30.03
N SER A 387 -1.98 10.45 31.19
CA SER A 387 -1.72 11.61 32.03
C SER A 387 -0.74 12.57 31.37
N ILE A 388 -0.88 13.84 31.69
CA ILE A 388 -0.07 14.89 31.07
C ILE A 388 1.23 15.07 31.86
N ARG A 389 2.37 14.81 31.19
CA ARG A 389 3.69 14.92 31.80
C ARG A 389 4.73 15.04 30.68
N CYS A 390 5.83 15.75 30.99
CA CYS A 390 6.95 15.94 30.07
C CYS A 390 6.54 16.31 28.64
N GLN B 12 3.55 -20.39 19.27
CA GLN B 12 2.48 -20.52 18.28
C GLN B 12 2.70 -19.50 17.17
N HIS B 13 3.60 -19.84 16.26
CA HIS B 13 3.84 -18.90 15.20
C HIS B 13 2.73 -18.99 14.16
N ALA B 14 2.61 -17.95 13.36
CA ALA B 14 1.74 -18.00 12.21
C ALA B 14 2.17 -19.07 11.22
N LYS B 15 1.18 -19.76 10.67
CA LYS B 15 1.39 -20.82 9.69
C LYS B 15 0.65 -20.52 8.39
N ILE B 16 1.27 -20.93 7.28
CA ILE B 16 0.60 -21.01 5.99
C ILE B 16 -0.24 -22.28 6.01
N LEU B 17 -1.55 -22.11 5.82
CA LEU B 17 -2.53 -23.18 5.89
C LEU B 17 -3.01 -23.65 4.52
N ALA B 18 -2.73 -22.89 3.47
CA ALA B 18 -3.17 -23.21 2.12
C ALA B 18 -2.49 -22.30 1.13
N ILE B 19 -2.31 -22.79 -0.10
CA ILE B 19 -1.76 -22.02 -1.23
C ILE B 19 -2.56 -22.36 -2.48
N GLY B 20 -3.04 -21.34 -3.19
CA GLY B 20 -3.68 -21.52 -4.48
C GLY B 20 -3.08 -20.57 -5.50
N THR B 21 -3.13 -20.97 -6.77
CA THR B 21 -2.57 -20.15 -7.83
C THR B 21 -3.46 -20.14 -9.06
N ALA B 22 -3.24 -19.12 -9.90
CA ALA B 22 -4.02 -18.94 -11.14
C ALA B 22 -3.21 -18.16 -12.17
N ASN B 23 -3.54 -18.36 -13.45
CA ASN B 23 -2.95 -17.58 -14.53
C ASN B 23 -3.97 -17.30 -15.62
N PRO B 24 -3.77 -16.26 -16.42
CA PRO B 24 -4.60 -16.08 -17.62
C PRO B 24 -4.52 -17.28 -18.54
N PRO B 25 -5.53 -17.44 -19.40
CA PRO B 25 -5.61 -18.64 -20.23
C PRO B 25 -4.68 -18.67 -21.44
N ASN B 26 -4.19 -17.55 -21.93
CA ASN B 26 -3.40 -17.54 -23.18
C ASN B 26 -1.95 -17.90 -22.89
N VAL B 27 -1.44 -18.95 -23.52
CA VAL B 27 -0.07 -19.40 -23.32
CA VAL B 27 -0.07 -19.40 -23.32
C VAL B 27 0.80 -18.87 -24.46
N TYR B 28 1.94 -18.29 -24.10
CA TYR B 28 2.92 -17.76 -25.06
C TYR B 28 4.19 -18.57 -24.87
N HIS B 29 4.46 -19.49 -25.79
CA HIS B 29 5.73 -20.22 -25.74
C HIS B 29 6.85 -19.30 -26.18
N GLN B 30 7.97 -19.36 -25.45
CA GLN B 30 9.06 -18.44 -25.67
C GLN B 30 9.66 -18.61 -27.06
N LYS B 31 9.68 -19.83 -27.57
CA LYS B 31 10.18 -20.06 -28.93
C LYS B 31 9.46 -19.18 -29.94
N ASP B 32 8.17 -18.89 -29.71
CA ASP B 32 7.33 -18.14 -30.63
C ASP B 32 7.24 -16.65 -30.30
N TYR B 33 7.75 -16.22 -29.15
CA TYR B 33 7.44 -14.87 -28.70
C TYR B 33 8.14 -13.79 -29.52
N PRO B 34 9.42 -13.95 -29.88
CA PRO B 34 10.03 -12.91 -30.74
C PRO B 34 9.26 -12.67 -32.02
N ASP B 35 8.82 -13.74 -32.70
CA ASP B 35 8.02 -13.55 -33.92
C ASP B 35 6.74 -12.79 -33.61
N PHE B 36 6.03 -13.19 -32.56
CA PHE B 36 4.79 -12.52 -32.17
C PHE B 36 5.03 -11.06 -31.87
N LEU B 37 6.00 -10.76 -31.00
CA LEU B 37 6.24 -9.39 -30.56
C LEU B 37 6.59 -8.47 -31.72
N PHE B 38 7.51 -8.91 -32.58
CA PHE B 38 7.95 -8.04 -33.66
C PHE B 38 6.90 -7.89 -34.75
N ARG B 39 6.03 -8.90 -34.92
CA ARG B 39 4.93 -8.79 -35.87
C ARG B 39 3.85 -7.84 -35.37
N VAL B 40 3.32 -8.10 -34.16
CA VAL B 40 2.17 -7.32 -33.72
C VAL B 40 2.54 -5.87 -33.43
N THR B 41 3.79 -5.56 -33.11
CA THR B 41 4.21 -4.18 -32.87
C THR B 41 4.77 -3.49 -34.11
N LYS B 42 4.76 -4.18 -35.25
CA LYS B 42 5.16 -3.59 -36.53
C LYS B 42 6.64 -3.18 -36.51
N ASN B 43 7.50 -4.07 -36.03
CA ASN B 43 8.92 -3.80 -35.91
C ASN B 43 9.80 -4.82 -36.63
N GLU B 44 9.26 -5.51 -37.62
CA GLU B 44 10.01 -6.58 -38.30
C GLU B 44 11.19 -6.02 -39.08
N HIS B 45 11.19 -4.72 -39.38
CA HIS B 45 12.32 -4.09 -40.06
C HIS B 45 13.52 -3.91 -39.15
N ARG B 46 13.34 -3.99 -37.83
CA ARG B 46 14.42 -3.76 -36.87
C ARG B 46 15.18 -5.06 -36.61
N THR B 47 16.04 -5.42 -37.57
CA THR B 47 16.81 -6.65 -37.49
C THR B 47 17.80 -6.64 -36.33
N ASP B 48 18.37 -5.47 -36.01
CA ASP B 48 19.32 -5.38 -34.89
C ASP B 48 18.63 -5.68 -33.56
N LEU B 49 17.44 -5.12 -33.36
CA LEU B 49 16.71 -5.34 -32.11
C LEU B 49 16.19 -6.77 -32.04
N ARG B 50 15.76 -7.33 -33.18
CA ARG B 50 15.32 -8.72 -33.20
C ARG B 50 16.44 -9.65 -32.77
N GLU B 51 17.65 -9.41 -33.28
CA GLU B 51 18.77 -10.29 -32.93
C GLU B 51 19.08 -10.21 -31.44
N LYS B 52 19.07 -9.00 -30.88
CA LYS B 52 19.29 -8.85 -29.45
C LYS B 52 18.18 -9.52 -28.65
N PHE B 53 16.93 -9.36 -29.09
CA PHE B 53 15.82 -9.98 -28.36
C PHE B 53 15.91 -11.50 -28.41
N ASP B 54 16.28 -12.05 -29.57
CA ASP B 54 16.48 -13.49 -29.64
C ASP B 54 17.52 -13.96 -28.62
N ARG B 55 18.61 -13.21 -28.47
CA ARG B 55 19.67 -13.63 -27.54
C ARG B 55 19.16 -13.57 -26.11
N ILE B 56 18.39 -12.55 -25.77
CA ILE B 56 17.86 -12.44 -24.42
C ILE B 56 16.89 -13.59 -24.15
N CYS B 57 16.04 -13.91 -25.12
CA CYS B 57 15.08 -14.99 -24.91
C CYS B 57 15.78 -16.33 -24.74
N GLU B 58 16.86 -16.57 -25.48
CA GLU B 58 17.61 -17.80 -25.36
C GLU B 58 18.26 -17.94 -23.99
N LYS B 59 18.59 -16.81 -23.35
CA LYS B 59 19.19 -16.81 -22.02
CA LYS B 59 19.19 -16.81 -22.02
C LYS B 59 18.14 -16.72 -20.91
N SER B 60 16.87 -16.55 -21.25
CA SER B 60 15.84 -16.25 -20.25
C SER B 60 15.54 -17.40 -19.33
N ARG B 61 15.81 -18.65 -19.72
CA ARG B 61 15.44 -19.83 -18.94
C ARG B 61 13.93 -19.87 -18.66
N THR B 62 13.17 -19.20 -19.52
CA THR B 62 11.72 -19.15 -19.47
C THR B 62 11.21 -19.84 -20.74
N LYS B 63 10.46 -20.93 -20.59
CA LYS B 63 9.94 -21.70 -21.72
C LYS B 63 8.58 -21.21 -22.19
N LYS B 64 7.75 -20.72 -21.26
CA LYS B 64 6.43 -20.23 -21.61
C LYS B 64 5.93 -19.30 -20.52
N ARG B 65 4.93 -18.50 -20.88
CA ARG B 65 4.32 -17.54 -19.97
C ARG B 65 2.84 -17.46 -20.29
N TYR B 66 2.04 -17.11 -19.29
CA TYR B 66 0.62 -16.88 -19.46
C TYR B 66 0.38 -15.38 -19.41
N LEU B 67 -0.35 -14.85 -20.37
CA LEU B 67 -0.57 -13.40 -20.46
C LEU B 67 -2.04 -13.12 -20.76
N HIS B 68 -2.59 -12.11 -20.07
CA HIS B 68 -3.92 -11.63 -20.41
C HIS B 68 -3.93 -10.92 -21.76
N LEU B 69 -2.89 -10.17 -22.06
CA LEU B 69 -2.84 -9.38 -23.28
C LEU B 69 -2.92 -10.28 -24.51
N THR B 70 -3.69 -9.83 -25.51
CA THR B 70 -3.83 -10.54 -26.78
C THR B 70 -3.53 -9.59 -27.93
N GLU B 71 -3.31 -10.17 -29.11
CA GLU B 71 -3.09 -9.36 -30.30
C GLU B 71 -4.31 -8.48 -30.61
N GLU B 72 -5.53 -8.99 -30.37
CA GLU B 72 -6.71 -8.18 -30.66
C GLU B 72 -6.74 -6.93 -29.78
N MET B 73 -6.29 -7.05 -28.54
CA MET B 73 -6.21 -5.89 -27.66
CA MET B 73 -6.21 -5.89 -27.66
C MET B 73 -5.22 -4.87 -28.18
N LEU B 74 -4.09 -5.33 -28.71
CA LEU B 74 -3.11 -4.41 -29.27
C LEU B 74 -3.66 -3.74 -30.53
N LYS B 75 -4.38 -4.49 -31.36
CA LYS B 75 -4.97 -3.91 -32.56
C LYS B 75 -6.00 -2.86 -32.20
N ALA B 76 -6.78 -3.10 -31.14
CA ALA B 76 -7.78 -2.12 -30.72
C ALA B 76 -7.15 -0.91 -30.04
N ASN B 77 -5.96 -1.07 -29.48
CA ASN B 77 -5.29 -0.02 -28.70
C ASN B 77 -3.83 0.08 -29.11
N PRO B 78 -3.55 0.53 -30.33
CA PRO B 78 -2.15 0.56 -30.80
C PRO B 78 -1.26 1.51 -30.03
N ASN B 79 -1.80 2.46 -29.25
CA ASN B 79 -0.92 3.28 -28.44
C ASN B 79 -0.19 2.44 -27.39
N ILE B 80 -0.71 1.26 -27.06
CA ILE B 80 -0.01 0.39 -26.11
C ILE B 80 1.36 -0.04 -26.64
N TYR B 81 1.52 -0.24 -27.95
CA TYR B 81 2.82 -0.61 -28.49
C TYR B 81 3.56 0.53 -29.17
N THR B 82 3.01 1.74 -29.13
CA THR B 82 3.67 2.91 -29.68
C THR B 82 4.43 3.57 -28.54
N TYR B 83 5.76 3.45 -28.56
CA TYR B 83 6.56 3.82 -27.39
C TYR B 83 6.30 5.26 -26.98
N GLY B 84 5.90 5.45 -25.71
CA GLY B 84 5.70 6.76 -25.13
C GLY B 84 4.35 7.40 -25.37
N ALA B 85 3.47 6.78 -26.16
CA ALA B 85 2.18 7.37 -26.43
C ALA B 85 1.30 7.28 -25.19
N PRO B 86 0.36 8.20 -25.02
CA PRO B 86 -0.54 8.11 -23.87
C PRO B 86 -1.41 6.87 -23.96
N SER B 87 -1.38 6.07 -22.89
CA SER B 87 -2.07 4.80 -22.87
C SER B 87 -2.42 4.31 -21.47
N LEU B 88 -2.14 5.10 -20.45
CA LEU B 88 -2.41 4.63 -19.09
C LEU B 88 -3.89 4.33 -18.89
N ASP B 89 -4.76 5.18 -19.45
CA ASP B 89 -6.19 5.01 -19.20
C ASP B 89 -6.70 3.68 -19.73
N VAL B 90 -6.32 3.31 -20.95
CA VAL B 90 -6.80 2.04 -21.49
C VAL B 90 -6.19 0.88 -20.70
N ARG B 91 -4.92 1.01 -20.28
CA ARG B 91 -4.28 -0.05 -19.51
C ARG B 91 -4.98 -0.25 -18.17
N GLN B 92 -5.29 0.85 -17.48
CA GLN B 92 -5.94 0.75 -16.18
C GLN B 92 -7.34 0.20 -16.32
N ASP B 93 -8.06 0.59 -17.38
CA ASP B 93 -9.41 0.10 -17.55
C ASP B 93 -9.43 -1.41 -17.66
N ILE B 94 -8.37 -2.00 -18.23
CA ILE B 94 -8.21 -3.46 -18.27
C ILE B 94 -7.77 -4.00 -16.91
N CYS B 95 -6.64 -3.48 -16.38
CA CYS B 95 -6.04 -4.12 -15.23
C CYS B 95 -6.85 -3.96 -13.94
N ASN B 96 -7.55 -2.85 -13.77
CA ASN B 96 -8.35 -2.65 -12.57
C ASN B 96 -9.49 -3.68 -12.49
N ILE B 97 -9.91 -4.25 -13.62
CA ILE B 97 -10.87 -5.36 -13.67
C ILE B 97 -10.17 -6.72 -13.58
N GLU B 98 -9.13 -6.93 -14.36
CA GLU B 98 -8.54 -8.24 -14.52
C GLU B 98 -7.72 -8.66 -13.31
N VAL B 99 -7.12 -7.71 -12.59
CA VAL B 99 -6.30 -8.08 -11.44
C VAL B 99 -7.17 -8.69 -10.35
N PRO B 100 -8.25 -8.05 -9.90
CA PRO B 100 -9.09 -8.70 -8.89
C PRO B 100 -9.71 -10.01 -9.37
N LYS B 101 -10.06 -10.11 -10.66
CA LYS B 101 -10.65 -11.34 -11.19
CA LYS B 101 -10.65 -11.34 -11.19
C LYS B 101 -9.66 -12.50 -11.09
N LEU B 102 -8.41 -12.28 -11.48
CA LEU B 102 -7.43 -13.34 -11.39
C LEU B 102 -7.12 -13.67 -9.93
N GLY B 103 -7.07 -12.65 -9.08
CA GLY B 103 -6.93 -12.90 -7.66
C GLY B 103 -8.04 -13.75 -7.07
N GLN B 104 -9.28 -13.52 -7.52
CA GLN B 104 -10.42 -14.31 -7.09
C GLN B 104 -10.23 -15.79 -7.40
N GLU B 105 -9.73 -16.10 -8.61
CA GLU B 105 -9.53 -17.49 -8.97
C GLU B 105 -8.53 -18.15 -8.03
N ALA B 106 -7.42 -17.48 -7.75
CA ALA B 106 -6.42 -18.06 -6.84
C ALA B 106 -6.98 -18.16 -5.43
N ALA B 107 -7.72 -17.17 -4.99
CA ALA B 107 -8.27 -17.18 -3.64
C ALA B 107 -9.25 -18.33 -3.44
N LEU B 108 -10.14 -18.57 -4.41
CA LEU B 108 -11.07 -19.68 -4.28
C LEU B 108 -10.32 -21.01 -4.18
N LYS B 109 -9.17 -21.13 -4.84
CA LYS B 109 -8.40 -22.37 -4.75
C LYS B 109 -7.79 -22.52 -3.36
N ALA B 110 -7.22 -21.43 -2.81
CA ALA B 110 -6.68 -21.49 -1.46
C ALA B 110 -7.77 -21.77 -0.44
N ILE B 111 -8.92 -21.13 -0.60
CA ILE B 111 -10.03 -21.34 0.33
C ILE B 111 -10.50 -22.79 0.29
N LYS B 112 -10.55 -23.39 -0.90
CA LYS B 112 -10.91 -24.79 -0.99
C LYS B 112 -9.96 -25.68 -0.19
N GLU B 113 -8.65 -25.48 -0.38
CA GLU B 113 -7.69 -26.31 0.33
C GLU B 113 -7.83 -26.14 1.82
N TRP B 114 -7.98 -24.89 2.27
CA TRP B 114 -8.10 -24.57 3.68
C TRP B 114 -9.29 -25.29 4.30
N GLY B 115 -10.43 -25.26 3.62
CA GLY B 115 -11.57 -26.10 4.02
C GLY B 115 -12.53 -25.45 4.99
N GLN B 116 -12.34 -24.18 5.30
CA GLN B 116 -13.18 -23.43 6.21
C GLN B 116 -14.07 -22.47 5.45
N PRO B 117 -15.14 -22.00 6.08
CA PRO B 117 -16.01 -21.03 5.42
C PRO B 117 -15.32 -19.70 5.20
N ILE B 118 -15.70 -19.05 4.11
CA ILE B 118 -15.20 -17.71 3.79
C ILE B 118 -15.49 -16.74 4.93
N SER B 119 -16.58 -16.96 5.66
CA SER B 119 -16.94 -16.08 6.77
C SER B 119 -15.93 -16.13 7.91
N ARG B 120 -15.04 -17.12 7.94
CA ARG B 120 -14.03 -17.22 8.96
C ARG B 120 -12.84 -16.31 8.68
N ILE B 121 -12.70 -15.81 7.45
CA ILE B 121 -11.59 -14.89 7.15
C ILE B 121 -11.83 -13.57 7.85
N THR B 122 -10.84 -13.10 8.61
CA THR B 122 -10.92 -11.87 9.37
C THR B 122 -10.10 -10.74 8.77
N HIS B 123 -9.08 -11.07 7.96
CA HIS B 123 -8.09 -10.12 7.46
C HIS B 123 -7.83 -10.42 5.99
N LEU B 124 -7.65 -9.38 5.18
CA LEU B 124 -7.31 -9.51 3.78
C LEU B 124 -6.11 -8.63 3.48
N ILE B 125 -5.06 -9.21 2.89
CA ILE B 125 -3.97 -8.45 2.29
C ILE B 125 -4.07 -8.69 0.80
N PHE B 126 -4.15 -7.62 0.01
CA PHE B 126 -4.13 -7.69 -1.44
C PHE B 126 -2.91 -6.92 -1.90
N CYS B 127 -2.14 -7.50 -2.83
CA CYS B 127 -0.90 -6.89 -3.31
C CYS B 127 -0.88 -6.93 -4.83
N THR B 128 -0.64 -5.78 -5.47
CA THR B 128 -0.44 -5.74 -6.92
C THR B 128 0.45 -4.54 -7.26
N ALA B 129 1.31 -4.75 -8.25
CA ALA B 129 2.08 -3.69 -8.89
C ALA B 129 1.58 -3.38 -10.29
N SER B 130 0.36 -3.84 -10.65
CA SER B 130 -0.13 -3.78 -12.02
C SER B 130 -1.24 -2.75 -12.24
N CYS B 131 -1.73 -2.11 -11.19
CA CYS B 131 -2.84 -1.16 -11.33
C CYS B 131 -2.95 -0.39 -10.01
N VAL B 132 -3.84 0.60 -10.00
CA VAL B 132 -4.14 1.36 -8.77
C VAL B 132 -5.45 2.10 -8.99
N ASP B 133 -6.31 2.09 -7.97
CA ASP B 133 -7.66 2.65 -8.05
C ASP B 133 -8.19 2.83 -6.63
N MET B 134 -9.21 3.68 -6.48
CA MET B 134 -9.87 3.89 -5.18
C MET B 134 -11.37 3.84 -5.42
N PRO B 135 -12.13 2.94 -4.76
CA PRO B 135 -11.73 1.81 -3.90
C PRO B 135 -10.76 0.92 -4.65
N GLY B 136 -9.99 0.13 -3.90
CA GLY B 136 -8.93 -0.67 -4.48
C GLY B 136 -9.30 -2.11 -4.78
N CYS B 137 -8.28 -2.87 -5.18
CA CYS B 137 -8.47 -4.28 -5.51
C CYS B 137 -9.01 -5.06 -4.32
N ASP B 138 -8.62 -4.67 -3.10
CA ASP B 138 -9.10 -5.37 -1.91
C ASP B 138 -10.61 -5.25 -1.80
N PHE B 139 -11.14 -4.04 -2.02
CA PHE B 139 -12.59 -3.84 -2.03
C PHE B 139 -13.23 -4.68 -3.13
N GLN B 140 -12.65 -4.68 -4.32
CA GLN B 140 -13.25 -5.43 -5.42
C GLN B 140 -13.26 -6.92 -5.12
N LEU B 141 -12.22 -7.42 -4.46
CA LEU B 141 -12.16 -8.83 -4.12
C LEU B 141 -13.18 -9.19 -3.05
N ILE B 142 -13.39 -8.31 -2.07
CA ILE B 142 -14.43 -8.52 -1.07
C ILE B 142 -15.77 -8.72 -1.75
N LYS B 143 -16.08 -7.88 -2.75
CA LYS B 143 -17.34 -8.01 -3.48
CA LYS B 143 -17.34 -8.02 -3.48
C LYS B 143 -17.40 -9.35 -4.22
N LEU B 144 -16.35 -9.70 -4.95
CA LEU B 144 -16.35 -10.91 -5.75
C LEU B 144 -16.52 -12.15 -4.88
N LEU B 145 -15.83 -12.23 -3.75
CA LEU B 145 -15.82 -13.42 -2.92
C LEU B 145 -16.96 -13.45 -1.89
N GLY B 146 -17.58 -12.32 -1.62
CA GLY B 146 -18.50 -12.26 -0.50
C GLY B 146 -17.82 -12.31 0.85
N LEU B 147 -16.62 -11.73 0.98
CA LEU B 147 -15.98 -11.66 2.30
C LEU B 147 -16.83 -10.77 3.22
N ASP B 148 -16.70 -11.01 4.53
CA ASP B 148 -17.33 -10.16 5.54
C ASP B 148 -17.02 -8.69 5.26
N PRO B 149 -18.03 -7.81 5.20
CA PRO B 149 -17.75 -6.39 4.99
C PRO B 149 -16.87 -5.77 6.04
N SER B 150 -16.64 -6.43 7.17
N SER B 150 -16.68 -6.42 7.19
CA SER B 150 -15.80 -5.92 8.23
CA SER B 150 -15.81 -5.91 8.25
C SER B 150 -14.44 -6.62 8.27
C SER B 150 -14.45 -6.62 8.28
N VAL B 151 -14.05 -7.25 7.18
CA VAL B 151 -12.69 -7.78 7.12
CA VAL B 151 -12.70 -7.78 7.13
C VAL B 151 -11.70 -6.61 7.28
N THR B 152 -10.59 -6.87 7.93
CA THR B 152 -9.54 -5.89 8.18
C THR B 152 -8.52 -5.98 7.05
N ARG B 153 -8.38 -4.89 6.29
CA ARG B 153 -7.70 -4.92 5.00
C ARG B 153 -6.37 -4.17 4.99
N THR B 154 -5.44 -4.70 4.19
CA THR B 154 -4.16 -4.06 3.89
C THR B 154 -3.99 -4.16 2.38
N MET B 155 -3.89 -3.02 1.69
CA MET B 155 -3.87 -2.98 0.22
C MET B 155 -2.50 -2.44 -0.17
N ILE B 156 -1.65 -3.33 -0.67
CA ILE B 156 -0.24 -3.05 -1.01
C ILE B 156 -0.15 -2.81 -2.52
N TYR B 157 -0.04 -1.54 -2.91
CA TYR B 157 0.07 -1.14 -4.31
C TYR B 157 1.50 -0.77 -4.62
N GLU B 158 1.99 -1.25 -5.77
CA GLU B 158 3.27 -0.84 -6.35
C GLU B 158 4.45 -0.98 -5.38
N ALA B 159 4.50 -2.12 -4.66
CA ALA B 159 5.69 -2.40 -3.88
C ALA B 159 6.80 -2.99 -4.74
N GLY B 160 6.46 -3.95 -5.59
CA GLY B 160 7.47 -4.60 -6.41
C GLY B 160 7.83 -6.03 -6.02
N TYR B 162 9.83 -7.71 -4.22
CA TYR B 162 10.12 -8.27 -2.89
C TYR B 162 8.86 -8.61 -2.12
N ALA B 163 7.69 -8.21 -2.63
CA ALA B 163 6.49 -8.21 -1.82
C ALA B 163 5.91 -9.59 -1.55
N GLY B 164 6.33 -10.61 -2.29
CA GLY B 164 5.87 -11.95 -1.96
C GLY B 164 6.34 -12.40 -0.61
N ALA B 165 7.52 -11.92 -0.18
CA ALA B 165 7.97 -12.12 1.20
C ALA B 165 7.33 -11.13 2.16
N THR B 166 7.23 -9.86 1.77
CA THR B 166 6.62 -8.84 2.62
C THR B 166 5.22 -9.22 3.07
N VAL B 167 4.39 -9.73 2.16
CA VAL B 167 3.01 -10.01 2.55
C VAL B 167 2.94 -11.13 3.60
N LEU B 168 3.89 -12.08 3.57
CA LEU B 168 3.97 -13.12 4.60
C LEU B 168 4.36 -12.51 5.94
N ARG B 169 5.29 -11.54 5.93
CA ARG B 169 5.67 -10.85 7.15
C ARG B 169 4.49 -10.10 7.75
N MET B 170 3.73 -9.40 6.90
CA MET B 170 2.54 -8.67 7.37
C MET B 170 1.51 -9.64 7.91
N ALA B 171 1.23 -10.72 7.17
CA ALA B 171 0.25 -11.71 7.63
C ALA B 171 0.67 -12.32 8.96
N LYS B 172 1.97 -12.58 9.15
CA LYS B 172 2.46 -13.12 10.40
C LYS B 172 2.07 -12.22 11.57
N ASP B 173 2.36 -10.93 11.46
CA ASP B 173 2.04 -10.02 12.56
C ASP B 173 0.54 -9.95 12.82
N PHE B 174 -0.27 -9.90 11.75
CA PHE B 174 -1.71 -9.79 11.96
C PHE B 174 -2.27 -11.06 12.58
N ALA B 175 -1.79 -12.24 12.13
CA ALA B 175 -2.30 -13.49 12.66
C ALA B 175 -1.86 -13.73 14.10
N GLU B 176 -0.63 -13.34 14.43
CA GLU B 176 -0.09 -13.60 15.75
C GLU B 176 -0.61 -12.62 16.79
N ASN B 177 -0.97 -11.40 16.39
CA ASN B 177 -1.41 -10.42 17.37
C ASN B 177 -2.92 -10.39 17.58
N ASN B 178 -3.69 -11.16 16.82
CA ASN B 178 -5.15 -11.14 16.85
C ASN B 178 -5.60 -12.59 17.03
N LYS B 179 -6.01 -12.93 18.26
CA LYS B 179 -6.41 -14.30 18.56
C LYS B 179 -7.50 -14.77 17.60
N GLY B 180 -7.27 -15.91 16.97
CA GLY B 180 -8.25 -16.49 16.08
C GLY B 180 -8.22 -15.94 14.66
N ALA B 181 -7.39 -14.96 14.36
CA ALA B 181 -7.46 -14.32 13.06
C ALA B 181 -7.06 -15.30 11.97
N ARG B 182 -7.69 -15.15 10.82
CA ARG B 182 -7.35 -15.92 9.63
C ARG B 182 -7.19 -14.93 8.48
N VAL B 183 -5.99 -14.88 7.91
CA VAL B 183 -5.59 -13.86 6.96
C VAL B 183 -5.60 -14.48 5.58
N LEU B 184 -6.40 -13.90 4.67
CA LEU B 184 -6.30 -14.25 3.25
C LEU B 184 -5.35 -13.26 2.58
N VAL B 185 -4.31 -13.78 1.92
CA VAL B 185 -3.29 -12.98 1.25
C VAL B 185 -3.41 -13.24 -0.24
N VAL B 186 -3.61 -12.22 -1.05
CA VAL B 186 -3.75 -12.39 -2.50
C VAL B 186 -2.76 -11.45 -3.19
N CYS B 187 -1.95 -12.00 -4.09
CA CYS B 187 -1.01 -11.24 -4.91
C CYS B 187 -1.39 -11.54 -6.35
N ALA B 188 -1.64 -10.51 -7.16
CA ALA B 188 -2.07 -10.73 -8.53
C ALA B 188 -1.42 -9.71 -9.45
N GLU B 189 -0.97 -10.18 -10.61
CA GLU B 189 -0.31 -9.33 -11.59
C GLU B 189 -0.83 -9.58 -13.00
N ILE B 190 -1.09 -8.49 -13.70
CA ILE B 190 -1.46 -8.49 -15.12
C ILE B 190 -0.54 -7.46 -15.77
N THR B 191 0.40 -7.92 -16.60
CA THR B 191 1.49 -7.08 -17.07
C THR B 191 1.14 -6.23 -18.28
N THR B 192 -0.13 -6.24 -18.71
CA THR B 192 -0.59 -5.32 -19.75
C THR B 192 -0.14 -3.89 -19.49
N VAL B 193 -0.08 -3.46 -18.22
CA VAL B 193 0.33 -2.09 -17.91
C VAL B 193 1.80 -1.83 -18.16
N PHE B 194 2.63 -2.88 -18.24
CA PHE B 194 4.07 -2.77 -18.41
C PHE B 194 4.50 -3.01 -19.85
N PHE B 195 3.58 -3.40 -20.74
CA PHE B 195 3.95 -3.69 -22.13
C PHE B 195 4.36 -2.40 -22.85
N HIS B 196 5.56 -2.37 -23.42
CA HIS B 196 5.95 -1.22 -24.22
C HIS B 196 6.59 -1.64 -25.52
N GLY B 197 6.50 -0.75 -26.49
CA GLY B 197 7.15 -0.96 -27.76
C GLY B 197 8.66 -0.80 -27.69
N LEU B 198 9.26 -0.96 -28.86
CA LEU B 198 10.70 -1.17 -28.99
C LEU B 198 11.37 0.06 -29.55
N THR B 199 12.43 0.49 -28.87
CA THR B 199 13.26 1.63 -29.27
C THR B 199 14.69 1.32 -28.85
N ASP B 200 15.66 1.71 -29.69
CA ASP B 200 17.05 1.44 -29.34
C ASP B 200 17.57 2.35 -28.22
N THR B 201 16.73 3.29 -27.76
CA THR B 201 17.05 4.20 -26.67
C THR B 201 16.63 3.66 -25.30
N HIS B 202 15.88 2.57 -25.25
CA HIS B 202 15.35 1.99 -24.01
C HIS B 202 15.37 0.47 -24.13
N LEU B 203 16.58 -0.08 -24.13
CA LEU B 203 16.80 -1.51 -24.33
C LEU B 203 16.33 -2.33 -23.15
N ASP B 204 16.11 -1.69 -21.99
CA ASP B 204 15.59 -2.40 -20.83
C ASP B 204 14.28 -3.10 -21.15
N ILE B 205 13.50 -2.52 -22.08
CA ILE B 205 12.21 -3.10 -22.48
C ILE B 205 12.38 -4.49 -23.07
N LEU B 206 13.53 -4.79 -23.70
CA LEU B 206 13.73 -6.12 -24.25
C LEU B 206 13.82 -7.16 -23.14
N VAL B 207 14.34 -6.77 -21.97
CA VAL B 207 14.42 -7.71 -20.86
C VAL B 207 13.03 -8.00 -20.30
N GLY B 208 12.25 -6.94 -20.05
CA GLY B 208 10.90 -7.15 -19.55
C GLY B 208 10.04 -7.92 -20.54
N GLN B 209 10.21 -7.64 -21.83
CA GLN B 209 9.45 -8.35 -22.85
C GLN B 209 9.76 -9.84 -22.84
N ALA B 210 10.96 -10.22 -22.41
CA ALA B 210 11.34 -11.63 -22.37
C ALA B 210 10.92 -12.33 -21.10
N LEU B 211 10.85 -11.61 -19.98
CA LEU B 211 10.71 -12.23 -18.67
C LEU B 211 9.37 -12.02 -17.98
N PHE B 212 8.70 -10.88 -18.15
CA PHE B 212 7.56 -10.57 -17.31
C PHE B 212 6.33 -11.36 -17.73
N ALA B 213 5.52 -11.75 -16.74
CA ALA B 213 4.39 -12.63 -16.99
C ALA B 213 3.29 -12.41 -15.96
N ASP B 214 2.15 -13.07 -16.19
CA ASP B 214 0.94 -12.85 -15.41
C ASP B 214 0.61 -14.05 -14.54
N GLY B 215 0.04 -13.76 -13.37
CA GLY B 215 -0.31 -14.79 -12.43
C GLY B 215 -0.82 -14.21 -11.13
N ALA B 216 -1.41 -15.08 -10.33
CA ALA B 216 -1.89 -14.71 -9.01
C ALA B 216 -1.71 -15.87 -8.05
N SER B 217 -1.46 -15.53 -6.80
CA SER B 217 -1.36 -16.47 -5.70
C SER B 217 -2.29 -16.06 -4.58
N ALA B 218 -2.67 -17.05 -3.77
CA ALA B 218 -3.45 -16.80 -2.57
C ALA B 218 -2.91 -17.73 -1.51
N VAL B 219 -2.73 -17.19 -0.31
CA VAL B 219 -2.26 -17.93 0.85
C VAL B 219 -3.21 -17.62 2.00
N ILE B 220 -3.53 -18.63 2.80
CA ILE B 220 -4.23 -18.42 4.08
C ILE B 220 -3.22 -18.56 5.19
N VAL B 221 -3.19 -17.60 6.12
CA VAL B 221 -2.28 -17.61 7.27
C VAL B 221 -3.07 -17.54 8.56
N GLY B 222 -2.70 -18.40 9.50
CA GLY B 222 -3.28 -18.34 10.85
C GLY B 222 -2.32 -18.92 11.84
N ALA B 223 -2.37 -18.42 13.08
CA ALA B 223 -1.69 -19.06 14.19
C ALA B 223 -2.64 -20.02 14.88
N ASN B 224 -2.07 -21.05 15.52
CA ASN B 224 -2.89 -22.02 16.27
C ASN B 224 -3.89 -22.75 15.39
N PRO B 225 -3.43 -23.51 14.40
CA PRO B 225 -4.37 -24.23 13.53
C PRO B 225 -5.21 -25.23 14.32
N GLU B 226 -6.46 -25.36 13.95
CA GLU B 226 -7.37 -26.27 14.65
C GLU B 226 -7.01 -27.72 14.36
N PRO B 227 -6.67 -28.52 15.38
CA PRO B 227 -6.29 -29.92 15.15
C PRO B 227 -7.37 -30.69 14.39
N GLU B 228 -6.95 -31.41 13.35
CA GLU B 228 -7.84 -32.31 12.61
C GLU B 228 -8.82 -31.55 11.71
N ILE B 229 -8.72 -30.22 11.63
CA ILE B 229 -9.56 -29.39 10.78
C ILE B 229 -8.73 -28.58 9.80
N GLU B 230 -7.73 -27.87 10.31
CA GLU B 230 -6.77 -27.12 9.53
C GLU B 230 -5.47 -27.88 9.62
N ARG B 231 -4.63 -27.73 8.62
CA ARG B 231 -3.30 -28.30 8.75
C ARG B 231 -2.29 -27.37 8.13
N PRO B 232 -1.17 -27.15 8.79
CA PRO B 232 -0.18 -26.23 8.25
C PRO B 232 0.71 -26.84 7.18
N LEU B 233 1.17 -25.98 6.28
CA LEU B 233 2.15 -26.30 5.26
C LEU B 233 3.53 -25.76 5.61
N PHE B 234 3.62 -24.54 6.16
CA PHE B 234 4.88 -23.92 6.53
C PHE B 234 4.59 -23.03 7.74
N GLU B 235 5.61 -22.81 8.55
CA GLU B 235 5.54 -21.86 9.65
C GLU B 235 6.37 -20.65 9.29
N ILE B 236 5.83 -19.45 9.52
CA ILE B 236 6.54 -18.20 9.26
C ILE B 236 7.23 -17.78 10.55
N VAL B 237 8.55 -18.00 10.62
CA VAL B 237 9.29 -17.85 11.88
C VAL B 237 9.75 -16.43 12.15
N ALA B 238 10.44 -15.83 11.18
CA ALA B 238 11.05 -14.53 11.36
C ALA B 238 11.29 -13.93 9.99
N CYS B 239 11.34 -12.60 9.94
CA CYS B 239 11.45 -11.87 8.68
C CYS B 239 12.41 -10.70 8.82
N ARG B 240 13.00 -10.29 7.69
CA ARG B 240 13.89 -9.15 7.67
C ARG B 240 13.81 -8.48 6.31
N GLN B 241 13.78 -7.15 6.31
CA GLN B 241 13.76 -6.31 5.12
C GLN B 241 14.98 -5.40 5.15
N THR B 242 15.67 -5.28 4.02
CA THR B 242 16.88 -4.46 3.97
C THR B 242 17.08 -3.86 2.58
N ILE B 243 17.73 -2.70 2.56
CA ILE B 243 18.08 -1.99 1.34
C ILE B 243 19.54 -2.30 1.03
N LEU B 244 19.80 -2.79 -0.16
CA LEU B 244 21.18 -3.11 -0.55
C LEU B 244 21.92 -1.81 -0.86
N PRO B 245 23.11 -1.60 -0.33
CA PRO B 245 23.74 -0.28 -0.48
C PRO B 245 24.07 0.08 -1.92
N ASN B 246 23.90 1.37 -2.24
CA ASN B 246 24.36 1.97 -3.49
C ASN B 246 23.73 1.34 -4.73
N SER B 247 22.45 0.99 -4.64
CA SER B 247 21.76 0.31 -5.73
C SER B 247 20.41 0.94 -6.08
N GLU B 248 20.22 2.23 -5.78
CA GLU B 248 18.93 2.88 -5.97
C GLU B 248 18.44 2.83 -7.43
N HIS B 249 19.37 2.78 -8.38
CA HIS B 249 19.07 2.72 -9.80
C HIS B 249 18.82 1.31 -10.29
N GLY B 250 18.83 0.30 -9.41
CA GLY B 250 18.71 -1.07 -9.88
C GLY B 250 17.41 -1.36 -10.59
N VAL B 251 16.29 -1.05 -9.94
CA VAL B 251 14.96 -1.20 -10.54
C VAL B 251 14.15 0.05 -10.24
N VAL B 252 13.61 0.66 -11.28
CA VAL B 252 12.82 1.87 -11.17
C VAL B 252 11.55 1.64 -11.98
N VAL B 253 10.39 1.98 -11.43
CA VAL B 253 9.15 1.95 -12.17
C VAL B 253 8.44 3.25 -11.90
N ASN B 254 8.12 3.98 -12.97
CA ASN B 254 7.38 5.22 -12.87
C ASN B 254 5.99 5.05 -13.48
N ILE B 255 4.98 5.55 -12.76
CA ILE B 255 3.59 5.47 -13.17
C ILE B 255 3.29 6.74 -13.98
N ARG B 256 3.18 6.58 -15.29
CA ARG B 256 3.20 7.68 -16.24
C ARG B 256 2.02 7.61 -17.22
N GLU B 257 1.86 8.69 -18.00
CA GLU B 257 0.81 8.74 -19.01
C GLU B 257 0.95 7.62 -20.04
N MET B 258 2.17 7.13 -20.27
CA MET B 258 2.44 6.05 -21.22
C MET B 258 2.29 4.64 -20.61
N GLY B 259 1.85 4.53 -19.37
CA GLY B 259 1.82 3.27 -18.66
C GLY B 259 2.84 3.23 -17.56
N PHE B 260 3.09 2.02 -17.07
CA PHE B 260 4.10 1.84 -16.02
C PHE B 260 5.42 1.61 -16.75
N ASN B 261 6.27 2.63 -16.76
CA ASN B 261 7.55 2.60 -17.45
C ASN B 261 8.60 2.11 -16.47
N TYR B 262 9.55 1.31 -16.95
CA TYR B 262 10.50 0.69 -16.05
C TYR B 262 11.92 0.79 -16.60
N TYR B 263 12.88 0.84 -15.69
CA TYR B 263 14.30 0.81 -16.01
C TYR B 263 14.95 -0.25 -15.12
N LEU B 264 15.83 -1.06 -15.71
CA LEU B 264 16.51 -2.14 -15.02
C LEU B 264 18.00 -2.04 -15.29
N SER B 265 18.79 -1.94 -14.23
CA SER B 265 20.24 -1.91 -14.37
C SER B 265 20.77 -3.31 -14.61
N GLY B 266 21.75 -3.42 -15.50
CA GLY B 266 22.42 -4.70 -15.69
C GLY B 266 23.24 -5.16 -14.50
N ASP B 267 23.42 -4.30 -13.50
CA ASP B 267 24.14 -4.68 -12.30
C ASP B 267 23.26 -5.34 -11.24
N VAL B 268 21.96 -5.49 -11.46
CA VAL B 268 21.11 -6.09 -10.42
C VAL B 268 21.63 -7.45 -9.97
N PRO B 269 21.96 -8.40 -10.87
CA PRO B 269 22.45 -9.70 -10.38
C PRO B 269 23.66 -9.57 -9.48
N LYS B 270 24.66 -8.76 -9.86
CA LYS B 270 25.86 -8.63 -9.05
C LYS B 270 25.54 -8.03 -7.68
N PHE B 271 24.59 -7.09 -7.60
CA PHE B 271 24.19 -6.55 -6.31
C PHE B 271 23.59 -7.63 -5.41
N VAL B 272 22.72 -8.48 -5.96
CA VAL B 272 22.16 -9.58 -5.18
C VAL B 272 23.27 -10.50 -4.70
N GLY B 273 24.17 -10.88 -5.60
CA GLY B 273 25.26 -11.76 -5.20
C GLY B 273 26.16 -11.14 -4.16
N GLY B 274 26.40 -9.84 -4.25
CA GLY B 274 27.26 -9.16 -3.31
C GLY B 274 26.71 -9.01 -1.92
N ASN B 275 25.41 -9.24 -1.75
CA ASN B 275 24.75 -9.03 -0.48
C ASN B 275 24.11 -10.28 0.11
N VAL B 276 24.04 -11.39 -0.65
CA VAL B 276 23.26 -12.54 -0.22
C VAL B 276 23.84 -13.19 1.04
N VAL B 277 25.16 -13.30 1.16
CA VAL B 277 25.68 -13.91 2.39
C VAL B 277 25.28 -13.06 3.59
N ASP B 278 25.39 -11.73 3.45
CA ASP B 278 25.06 -10.84 4.55
C ASP B 278 23.57 -10.90 4.89
N PHE B 279 22.70 -10.77 3.89
CA PHE B 279 21.27 -10.76 4.23
C PHE B 279 20.79 -12.11 4.75
N MET B 280 21.37 -13.21 4.28
CA MET B 280 21.04 -14.53 4.82
C MET B 280 21.55 -14.67 6.25
N THR B 281 22.78 -14.22 6.51
CA THR B 281 23.33 -14.34 7.85
C THR B 281 22.52 -13.53 8.86
N LYS B 282 22.20 -12.28 8.51
CA LYS B 282 21.48 -11.42 9.44
C LYS B 282 20.05 -11.89 9.64
N THR B 283 19.44 -12.50 8.64
CA THR B 283 18.11 -13.05 8.81
C THR B 283 18.11 -14.21 9.80
N PHE B 284 19.02 -15.16 9.61
CA PHE B 284 19.05 -16.35 10.46
C PHE B 284 19.57 -16.04 11.86
N GLU B 285 20.26 -14.91 12.04
CA GLU B 285 20.62 -14.49 13.40
C GLU B 285 19.39 -14.20 14.24
N LYS B 286 18.23 -13.98 13.61
CA LYS B 286 17.02 -13.76 14.36
C LYS B 286 16.41 -15.05 14.87
N VAL B 287 16.90 -16.22 14.43
CA VAL B 287 16.31 -17.50 14.79
CA VAL B 287 16.30 -17.50 14.80
C VAL B 287 17.28 -18.43 15.52
N ASP B 288 18.57 -18.27 15.27
CA ASP B 288 19.55 -19.24 15.75
C ASP B 288 20.87 -18.54 16.02
N GLY B 289 21.50 -18.84 17.17
CA GLY B 289 22.81 -18.29 17.43
C GLY B 289 23.94 -19.03 16.73
N LYS B 290 23.68 -20.24 16.26
CA LYS B 290 24.67 -21.00 15.51
C LYS B 290 24.66 -20.59 14.04
N LYS B 291 25.81 -20.67 13.41
CA LYS B 291 25.90 -20.37 11.99
C LYS B 291 25.21 -21.46 11.18
N LYS B 292 24.66 -21.05 10.04
CA LYS B 292 23.84 -21.93 9.22
C LYS B 292 24.68 -22.52 8.09
N ASP B 293 24.39 -23.77 7.77
CA ASP B 293 24.88 -24.38 6.53
C ASP B 293 23.80 -24.14 5.47
N TRP B 294 24.11 -23.31 4.48
CA TRP B 294 23.09 -22.89 3.53
C TRP B 294 22.49 -24.09 2.78
N ASN B 295 23.26 -25.16 2.56
CA ASN B 295 22.71 -26.30 1.86
C ASN B 295 21.75 -27.12 2.70
N SER B 296 21.62 -26.82 3.99
CA SER B 296 20.65 -27.48 4.86
C SER B 296 19.26 -26.90 4.72
N LEU B 297 19.10 -25.81 3.96
CA LEU B 297 17.84 -25.10 3.83
C LEU B 297 17.11 -25.47 2.55
N PHE B 298 15.78 -25.27 2.55
CA PHE B 298 15.00 -25.20 1.32
C PHE B 298 14.76 -23.73 0.97
N PHE B 299 14.60 -23.47 -0.32
CA PHE B 299 14.62 -22.11 -0.86
C PHE B 299 13.46 -21.83 -1.79
N SER B 300 12.83 -20.67 -1.61
CA SER B 300 11.97 -20.06 -2.61
C SER B 300 12.58 -18.70 -2.91
N VAL B 301 13.24 -18.58 -4.07
CA VAL B 301 13.94 -17.38 -4.47
C VAL B 301 13.15 -16.71 -5.59
N HIS B 302 12.88 -15.43 -5.43
CA HIS B 302 12.16 -14.70 -6.45
C HIS B 302 13.01 -14.69 -7.71
N PRO B 303 12.56 -15.30 -8.82
CA PRO B 303 13.40 -15.36 -10.02
C PRO B 303 13.23 -14.15 -10.92
N GLY B 304 13.72 -13.00 -10.44
CA GLY B 304 13.58 -11.77 -11.19
C GLY B 304 14.15 -11.89 -12.58
N GLY B 305 15.20 -12.71 -12.70
CA GLY B 305 15.67 -13.25 -13.96
C GLY B 305 16.57 -14.40 -13.60
N PRO B 306 16.97 -15.21 -14.59
CA PRO B 306 17.82 -16.36 -14.27
C PRO B 306 19.14 -15.97 -13.62
N ALA B 307 19.70 -14.81 -13.96
CA ALA B 307 21.00 -14.43 -13.42
C ALA B 307 20.91 -14.16 -11.91
N ILE B 308 19.76 -13.70 -11.44
CA ILE B 308 19.58 -13.48 -10.01
C ILE B 308 19.59 -14.80 -9.27
N VAL B 309 18.88 -15.80 -9.80
CA VAL B 309 18.92 -17.13 -9.23
C VAL B 309 20.35 -17.67 -9.21
N ASP B 310 21.09 -17.50 -10.31
CA ASP B 310 22.45 -18.01 -10.37
C ASP B 310 23.34 -17.36 -9.30
N GLN B 311 23.11 -16.08 -9.00
CA GLN B 311 23.96 -15.39 -8.04
C GLN B 311 23.74 -15.91 -6.63
N VAL B 312 22.48 -16.21 -6.29
CA VAL B 312 22.19 -16.80 -4.99
C VAL B 312 22.86 -18.16 -4.87
N GLU B 313 22.70 -19.01 -5.89
CA GLU B 313 23.34 -20.31 -5.90
C GLU B 313 24.85 -20.18 -5.73
N GLU B 314 25.47 -19.25 -6.46
CA GLU B 314 26.93 -19.17 -6.46
C GLU B 314 27.46 -18.69 -5.12
N LYS B 315 26.94 -17.59 -4.59
CA LYS B 315 27.57 -17.00 -3.41
C LYS B 315 27.22 -17.77 -2.12
N LEU B 316 26.11 -18.51 -2.11
CA LEU B 316 25.80 -19.36 -0.97
C LEU B 316 26.37 -20.76 -1.13
N GLY B 317 27.06 -21.05 -2.24
CA GLY B 317 27.64 -22.36 -2.46
C GLY B 317 26.64 -23.49 -2.51
N LEU B 318 25.47 -23.24 -3.10
CA LEU B 318 24.40 -24.23 -3.11
C LEU B 318 24.72 -25.35 -4.10
N LYS B 319 24.41 -26.57 -3.68
CA LYS B 319 24.66 -27.75 -4.48
C LYS B 319 23.71 -27.84 -5.66
N GLU B 320 24.09 -28.65 -6.64
CA GLU B 320 23.25 -28.88 -7.81
C GLU B 320 21.87 -29.36 -7.37
N GLY B 321 20.84 -28.74 -7.95
CA GLY B 321 19.47 -29.12 -7.70
C GLY B 321 18.81 -28.37 -6.56
N LYS B 322 19.58 -27.64 -5.76
CA LYS B 322 18.97 -26.99 -4.60
C LYS B 322 17.87 -26.02 -5.01
N LEU B 323 18.05 -25.31 -6.13
CA LEU B 323 17.08 -24.31 -6.60
C LEU B 323 16.16 -24.86 -7.69
N ARG B 324 15.93 -26.17 -7.74
CA ARG B 324 15.11 -26.77 -8.78
C ARG B 324 13.70 -26.19 -8.81
N ALA B 325 13.06 -26.05 -7.63
CA ALA B 325 11.68 -25.56 -7.64
C ALA B 325 11.61 -24.14 -8.19
N THR B 326 12.55 -23.29 -7.77
CA THR B 326 12.62 -21.92 -8.28
C THR B 326 12.78 -21.90 -9.80
N ARG B 327 13.71 -22.69 -10.31
CA ARG B 327 13.98 -22.70 -11.74
C ARG B 327 12.82 -23.31 -12.52
N HIS B 328 12.11 -24.26 -11.93
CA HIS B 328 10.96 -24.86 -12.59
C HIS B 328 9.85 -23.82 -12.80
N VAL B 329 9.56 -23.03 -11.77
CA VAL B 329 8.53 -21.99 -11.90
C VAL B 329 8.97 -20.94 -12.91
N LEU B 330 10.24 -20.50 -12.86
CA LEU B 330 10.69 -19.56 -13.88
C LEU B 330 10.48 -20.13 -15.27
N SER B 331 10.81 -21.41 -15.47
CA SER B 331 10.67 -22.02 -16.78
C SER B 331 9.22 -22.10 -17.24
N GLU B 332 8.30 -22.50 -16.36
CA GLU B 332 6.93 -22.77 -16.76
C GLU B 332 6.03 -21.54 -16.72
N TYR B 333 6.44 -20.47 -16.04
CA TYR B 333 5.58 -19.31 -15.82
C TYR B 333 6.25 -17.96 -16.02
N GLY B 334 7.57 -17.89 -16.07
CA GLY B 334 8.28 -16.60 -16.08
C GLY B 334 8.23 -15.90 -14.73
N ASN B 335 8.63 -14.61 -14.78
CA ASN B 335 8.65 -13.73 -13.61
C ASN B 335 7.28 -13.05 -13.53
N MET B 336 6.44 -13.52 -12.61
CA MET B 336 5.11 -12.98 -12.40
C MET B 336 5.05 -11.97 -11.28
N GLY B 337 6.20 -11.45 -10.82
CA GLY B 337 6.20 -10.52 -9.71
C GLY B 337 5.99 -11.18 -8.36
N ALA B 338 5.36 -10.44 -7.46
CA ALA B 338 5.22 -10.90 -6.07
C ALA B 338 4.63 -12.31 -5.93
N PRO B 339 3.67 -12.78 -6.75
CA PRO B 339 3.15 -14.13 -6.57
C PRO B 339 4.17 -15.24 -6.77
N THR B 340 5.30 -14.96 -7.44
CA THR B 340 6.16 -16.04 -7.93
C THR B 340 6.70 -16.91 -6.80
N VAL B 341 7.12 -16.30 -5.70
CA VAL B 341 7.65 -17.09 -4.58
C VAL B 341 6.60 -18.02 -3.99
N HIS B 342 5.33 -17.67 -4.10
CA HIS B 342 4.27 -18.55 -3.62
C HIS B 342 4.02 -19.71 -4.58
N PHE B 343 4.10 -19.46 -5.89
CA PHE B 343 4.09 -20.56 -6.85
C PHE B 343 5.21 -21.52 -6.53
N ILE B 344 6.38 -20.98 -6.13
CA ILE B 344 7.53 -21.84 -5.87
C ILE B 344 7.29 -22.69 -4.63
N LEU B 345 6.72 -22.10 -3.56
CA LEU B 345 6.39 -22.89 -2.37
C LEU B 345 5.37 -23.98 -2.72
N ASP B 346 4.40 -23.67 -3.56
CA ASP B 346 3.40 -24.66 -3.98
C ASP B 346 4.05 -25.79 -4.77
N GLU B 347 4.93 -25.45 -5.71
CA GLU B 347 5.69 -26.44 -6.47
C GLU B 347 6.51 -27.33 -5.54
N MET B 348 7.16 -26.74 -4.56
N MET B 348 7.14 -26.74 -4.53
CA MET B 348 7.98 -27.52 -3.63
CA MET B 348 7.97 -27.53 -3.63
C MET B 348 7.12 -28.49 -2.84
C MET B 348 7.11 -28.49 -2.83
N ARG B 349 5.96 -28.03 -2.34
CA ARG B 349 5.05 -28.91 -1.62
C ARG B 349 4.56 -30.04 -2.53
N ASN B 350 4.22 -29.73 -3.78
N ASN B 350 4.18 -29.72 -3.77
CA ASN B 350 3.72 -30.74 -4.69
CA ASN B 350 3.72 -30.71 -4.73
C ASN B 350 4.81 -31.76 -5.05
C ASN B 350 4.81 -31.74 -5.04
N LYS B 351 6.02 -31.28 -5.34
CA LYS B 351 7.11 -32.19 -5.63
C LYS B 351 7.45 -33.04 -4.43
N SER B 352 7.34 -32.48 -3.21
CA SER B 352 7.66 -33.23 -2.01
C SER B 352 6.68 -34.39 -1.84
N ILE B 353 5.40 -34.16 -2.16
CA ILE B 353 4.40 -35.23 -2.16
C ILE B 353 4.74 -36.29 -3.20
N GLU B 354 5.07 -35.86 -4.41
CA GLU B 354 5.41 -36.79 -5.50
C GLU B 354 6.57 -37.70 -5.11
N GLU B 355 7.58 -37.14 -4.45
CA GLU B 355 8.82 -37.83 -4.12
C GLU B 355 8.73 -38.57 -2.79
N GLY B 356 7.60 -38.49 -2.10
CA GLY B 356 7.50 -39.12 -0.80
C GLY B 356 8.42 -38.54 0.26
N LYS B 357 8.69 -37.24 0.20
CA LYS B 357 9.50 -36.58 1.21
C LYS B 357 8.75 -36.52 2.55
N THR B 358 9.52 -36.38 3.63
CA THR B 358 8.94 -36.34 4.97
C THR B 358 8.38 -34.97 5.35
N THR B 359 8.70 -33.93 4.58
CA THR B 359 8.22 -32.59 4.89
C THR B 359 7.90 -31.86 3.59
N THR B 360 7.12 -30.78 3.74
CA THR B 360 6.76 -29.95 2.61
C THR B 360 7.94 -29.17 2.05
N GLY B 361 9.05 -29.09 2.78
CA GLY B 361 10.26 -28.42 2.33
C GLY B 361 11.34 -29.37 1.87
N GLU B 362 10.99 -30.28 0.97
CA GLU B 362 11.97 -31.16 0.34
C GLU B 362 12.59 -32.10 1.37
N GLY B 363 11.84 -32.40 2.43
CA GLY B 363 12.37 -33.22 3.50
C GLY B 363 13.24 -32.51 4.52
N LEU B 364 13.47 -31.21 4.37
CA LEU B 364 14.27 -30.43 5.30
C LEU B 364 13.36 -29.66 6.26
N GLU B 365 13.96 -29.22 7.37
CA GLU B 365 13.23 -28.51 8.41
C GLU B 365 13.13 -27.01 8.17
N TRP B 366 14.24 -26.35 7.86
CA TRP B 366 14.33 -24.90 7.78
C TRP B 366 14.47 -24.44 6.34
N GLY B 367 13.89 -23.27 6.05
CA GLY B 367 13.96 -22.73 4.71
C GLY B 367 13.80 -21.23 4.70
N VAL B 368 13.80 -20.67 3.49
CA VAL B 368 13.75 -19.21 3.32
C VAL B 368 13.02 -18.85 2.05
N VAL B 369 12.28 -17.75 2.10
CA VAL B 369 11.72 -17.04 0.96
C VAL B 369 12.53 -15.76 0.78
N ILE B 370 13.04 -15.53 -0.42
CA ILE B 370 13.84 -14.35 -0.74
C ILE B 370 13.11 -13.53 -1.79
N GLY B 371 12.58 -12.38 -1.40
CA GLY B 371 12.00 -11.42 -2.36
C GLY B 371 12.99 -10.32 -2.65
N ILE B 372 13.02 -9.87 -3.90
CA ILE B 372 14.01 -8.92 -4.40
C ILE B 372 13.33 -7.92 -5.32
N GLY B 373 13.42 -6.62 -5.00
CA GLY B 373 12.76 -5.59 -5.78
C GLY B 373 13.39 -4.21 -5.64
N PRO B 374 12.62 -3.16 -5.98
CA PRO B 374 13.19 -1.80 -6.02
C PRO B 374 13.82 -1.37 -4.71
N GLY B 375 14.96 -0.66 -4.82
CA GLY B 375 15.67 -0.07 -3.70
C GLY B 375 17.17 -0.05 -3.88
N LEU B 376 17.79 -1.18 -4.21
CA LEU B 376 17.20 -2.52 -4.23
C LEU B 376 16.81 -2.93 -2.82
N THR B 377 15.67 -3.58 -2.68
CA THR B 377 15.18 -4.06 -1.39
C THR B 377 15.07 -5.58 -1.43
N VAL B 378 15.57 -6.23 -0.39
CA VAL B 378 15.42 -7.65 -0.21
C VAL B 378 14.61 -7.88 1.05
N GLU B 379 13.56 -8.68 0.97
CA GLU B 379 12.87 -9.13 2.17
C GLU B 379 12.97 -10.65 2.24
N THR B 380 13.36 -11.17 3.39
CA THR B 380 13.50 -12.59 3.61
C THR B 380 12.49 -13.03 4.65
N ALA B 381 11.95 -14.23 4.48
CA ALA B 381 11.11 -14.86 5.48
C ALA B 381 11.68 -16.23 5.77
N VAL B 382 12.04 -16.46 7.03
CA VAL B 382 12.50 -17.77 7.48
C VAL B 382 11.26 -18.63 7.69
N LEU B 383 11.28 -19.83 7.13
CA LEU B 383 10.18 -20.79 7.24
C LEU B 383 10.69 -22.06 7.91
N ARG B 384 9.77 -22.76 8.56
CA ARG B 384 9.92 -24.18 8.85
C ARG B 384 8.89 -24.93 8.02
N SER B 385 9.28 -26.12 7.58
CA SER B 385 8.37 -27.00 6.87
C SER B 385 7.42 -27.66 7.87
N GLU B 386 6.51 -28.47 7.32
CA GLU B 386 5.58 -29.23 8.13
C GLU B 386 5.49 -30.63 7.55
N SER B 387 5.01 -31.55 8.38
CA SER B 387 4.78 -32.92 7.94
C SER B 387 3.63 -32.95 6.95
N ILE B 388 3.73 -33.86 5.98
CA ILE B 388 2.73 -33.97 4.93
C ILE B 388 1.53 -34.74 5.47
N ARG B 389 0.38 -34.08 5.52
CA ARG B 389 -0.78 -34.55 6.25
C ARG B 389 -2.06 -34.06 5.57
#